data_4XRK
#
_entry.id   4XRK
#
_cell.length_a   64.410
_cell.length_b   121.190
_cell.length_c   132.040
_cell.angle_alpha   90.000
_cell.angle_beta   90.000
_cell.angle_gamma   90.000
#
_symmetry.space_group_name_H-M   'P 21 2 21'
#
_entity_poly.entity_id   1
_entity_poly.type   'polypeptide(L)'
_entity_poly.pdbx_seq_one_letter_code
;GPLGSMEGAPDINIILENSLSPDATLRHAAEQQLTHAAETNFSQYLLTLVQALANESSEGHIRAAAGIALKNAFSAREFA
RQAALQAKWLNQTDQETRTRVKQLALETLASSNSKAGQAAAQVIAAIAAIELPRNQWPELMHALVRNVSEGGQHQKQASL
TAIGFICETQDTDLRNSLVGHSNAILTAVVQGARKEEPNNEVRFAAITALGDSLEFVGNNFKHEGERNYIMQVVCEATQA
QDSRIQQGAFGCLNRIMALYYEHMRYYMEKALFGLTILGMKSDDEDVAKLAVEFWSTVCEEEIAIEDDNAQVESSEQMRP
FYNFARVATNEVVPVLLQLLTKQDEDASDDEYNISRAAYQCLQLYAQAVGSTIIPPVIQFVEHNLRHADWHFRDAAVSAF
GAIMDGPEEKVLEPIVKTGMQPLIAMMEDESIQVRDSTAYALGRITEACSEAIDPNTHLEPLIRSLFNGLMNSPKMAASC
CWALMNIAERFAGEPGAAQNPLTPHFNQSVTNLLTVTAPMNGDSTVRTAAYEVLSVFVQNAANDSLSAVASLSTVILQRL
EETLPLQQQVVSVEDKLILEDMQTSLCTVLQATVQRLDKEIAPQGDRIMQVLLQILSTCGGKSSVPEGVFAAISALANAM
EEEFAKYMEAFAPFLYNALGNQEEPSLCSMAIGLVSDVTRSLGERSQPYCDNFMNYLLGNLRSTTLANQFKPAILQCFGD
IASAIGGHFETYLTIVAQVLQQAATITAGPDGSYEMIDYVISLREGIMDAWGGIIGAMKTSNKTNVLQPYVESIFALLNS
IANDPNRSEALMRASMGVIGDLADAYPNGQLADAFRQDWITAMIRETRSNREFGARTIETARWAREQVKRQIAGSQTVMQ
QS
;
_entity_poly.pdbx_strand_id   A
#
# COMPACT_ATOMS: atom_id res chain seq x y z
N SER A 43 -40.70 -21.03 -25.92
CA SER A 43 -42.11 -20.76 -25.70
C SER A 43 -42.79 -21.94 -25.00
N GLN A 44 -43.20 -22.93 -25.77
CA GLN A 44 -43.65 -24.20 -25.21
C GLN A 44 -42.49 -24.79 -24.44
N TYR A 45 -41.29 -24.49 -24.92
CA TYR A 45 -40.04 -24.86 -24.28
C TYR A 45 -40.02 -24.24 -22.88
N LEU A 46 -40.33 -22.95 -22.83
CA LEU A 46 -40.34 -22.19 -21.59
C LEU A 46 -41.43 -22.68 -20.64
N LEU A 47 -42.56 -23.09 -21.19
CA LEU A 47 -43.66 -23.62 -20.37
C LEU A 47 -43.33 -24.97 -19.76
N THR A 48 -42.72 -25.86 -20.53
CA THR A 48 -42.30 -27.15 -20.00
C THR A 48 -41.23 -26.96 -18.93
N LEU A 49 -40.35 -25.98 -19.13
CA LEU A 49 -39.29 -25.70 -18.17
C LEU A 49 -39.86 -25.19 -16.84
N VAL A 50 -40.65 -24.13 -16.91
CA VAL A 50 -41.13 -23.48 -15.70
C VAL A 50 -42.17 -24.36 -15.00
N GLN A 51 -42.93 -25.13 -15.76
CA GLN A 51 -43.87 -26.06 -15.14
C GLN A 51 -43.11 -27.16 -14.42
N ALA A 52 -41.96 -27.55 -14.99
CA ALA A 52 -41.05 -28.47 -14.31
C ALA A 52 -40.49 -27.82 -13.05
N LEU A 53 -40.33 -26.51 -13.10
CA LEU A 53 -39.90 -25.74 -11.93
C LEU A 53 -40.96 -25.78 -10.83
N ALA A 54 -42.22 -25.81 -11.24
CA ALA A 54 -43.33 -25.88 -10.29
C ALA A 54 -43.65 -27.32 -9.88
N ASN A 55 -43.05 -28.28 -10.57
CA ASN A 55 -43.48 -29.68 -10.48
C ASN A 55 -42.92 -30.37 -9.25
N GLU A 56 -43.74 -30.47 -8.20
CA GLU A 56 -43.33 -31.06 -6.93
C GLU A 56 -43.00 -32.55 -7.00
N SER A 57 -43.69 -33.27 -7.89
CA SER A 57 -43.55 -34.72 -7.96
C SER A 57 -42.15 -35.15 -8.41
N SER A 58 -41.51 -34.33 -9.22
CA SER A 58 -40.15 -34.58 -9.66
C SER A 58 -39.16 -34.33 -8.52
N GLU A 59 -38.02 -35.00 -8.56
CA GLU A 59 -37.00 -34.83 -7.52
C GLU A 59 -36.47 -33.39 -7.53
N GLY A 60 -36.19 -32.87 -6.34
CA GLY A 60 -35.90 -31.46 -6.16
C GLY A 60 -34.68 -30.97 -6.91
N HIS A 61 -33.66 -31.82 -7.01
CA HIS A 61 -32.46 -31.46 -7.77
C HIS A 61 -32.77 -31.29 -9.25
N ILE A 62 -33.70 -32.10 -9.79
CA ILE A 62 -34.15 -31.94 -11.17
C ILE A 62 -34.86 -30.62 -11.34
N ARG A 63 -35.60 -30.23 -10.30
CA ARG A 63 -36.36 -29.00 -10.31
C ARG A 63 -35.41 -27.81 -10.29
N ALA A 64 -34.36 -27.95 -9.51
CA ALA A 64 -33.31 -26.94 -9.46
C ALA A 64 -32.64 -26.83 -10.82
N ALA A 65 -32.49 -27.97 -11.49
CA ALA A 65 -31.91 -27.99 -12.83
C ALA A 65 -32.82 -27.26 -13.82
N ALA A 66 -34.13 -27.37 -13.60
CA ALA A 66 -35.11 -26.74 -14.49
C ALA A 66 -35.10 -25.22 -14.35
N GLY A 67 -35.16 -24.73 -13.12
CA GLY A 67 -35.19 -23.30 -12.88
C GLY A 67 -33.86 -22.64 -13.21
N ILE A 68 -32.76 -23.32 -12.89
CA ILE A 68 -31.43 -22.82 -13.22
C ILE A 68 -31.26 -22.77 -14.74
N ALA A 69 -31.85 -23.74 -15.43
CA ALA A 69 -31.84 -23.76 -16.89
C ALA A 69 -32.66 -22.59 -17.43
N LEU A 70 -33.72 -22.22 -16.71
CA LEU A 70 -34.61 -21.17 -17.17
C LEU A 70 -34.00 -19.78 -16.96
N LYS A 71 -33.31 -19.59 -15.83
CA LYS A 71 -32.67 -18.31 -15.57
C LYS A 71 -31.56 -18.12 -16.59
N ASN A 72 -30.94 -19.22 -17.00
CA ASN A 72 -29.82 -19.19 -17.93
C ASN A 72 -30.34 -19.18 -19.36
N ALA A 73 -31.66 -19.26 -19.49
CA ALA A 73 -32.32 -18.98 -20.76
C ALA A 73 -32.51 -17.47 -20.88
N PHE A 74 -32.22 -16.74 -19.81
CA PHE A 74 -32.39 -15.30 -19.81
C PHE A 74 -31.36 -14.54 -18.98
N SER A 75 -30.30 -15.23 -18.53
CA SER A 75 -29.26 -14.55 -17.74
C SER A 75 -27.92 -15.30 -17.74
N ALA A 76 -26.84 -14.54 -17.54
CA ALA A 76 -25.49 -15.10 -17.42
C ALA A 76 -24.56 -14.09 -16.75
N ARG A 77 -23.42 -14.55 -16.27
CA ARG A 77 -22.40 -13.62 -15.78
C ARG A 77 -21.88 -12.79 -16.95
N GLU A 78 -21.99 -13.34 -18.15
CA GLU A 78 -21.54 -12.67 -19.37
C GLU A 78 -22.41 -11.44 -19.56
N PHE A 79 -21.85 -10.42 -20.22
CA PHE A 79 -22.52 -9.14 -20.36
C PHE A 79 -23.42 -9.03 -21.60
N ALA A 80 -22.83 -9.00 -22.78
CA ALA A 80 -23.60 -8.73 -23.99
C ALA A 80 -24.64 -9.81 -24.30
N ARG A 81 -24.30 -11.06 -23.99
CA ARG A 81 -25.22 -12.18 -24.20
C ARG A 81 -26.42 -12.04 -23.29
N GLN A 82 -26.24 -11.32 -22.18
CA GLN A 82 -27.35 -10.99 -21.29
C GLN A 82 -28.38 -10.19 -22.09
N ALA A 83 -27.91 -9.17 -22.81
CA ALA A 83 -28.79 -8.33 -23.61
C ALA A 83 -29.45 -9.13 -24.73
N ALA A 84 -28.73 -10.10 -25.27
CA ALA A 84 -29.28 -10.98 -26.31
C ALA A 84 -30.42 -11.84 -25.75
N LEU A 85 -30.20 -12.37 -24.55
CA LEU A 85 -31.21 -13.18 -23.87
C LEU A 85 -32.42 -12.32 -23.53
N GLN A 86 -32.17 -11.05 -23.24
CA GLN A 86 -33.22 -10.08 -22.98
C GLN A 86 -34.05 -9.87 -24.24
N ALA A 87 -33.39 -9.93 -25.39
CA ALA A 87 -34.09 -9.90 -26.67
C ALA A 87 -34.93 -11.17 -26.84
N LYS A 88 -34.44 -12.28 -26.30
CA LYS A 88 -35.17 -13.54 -26.36
C LYS A 88 -36.36 -13.51 -25.41
N TRP A 89 -36.31 -12.59 -24.44
CA TRP A 89 -37.40 -12.42 -23.48
C TRP A 89 -38.48 -11.51 -24.05
N LEU A 90 -38.14 -10.24 -24.25
CA LEU A 90 -39.09 -9.21 -24.62
C LEU A 90 -39.68 -9.37 -26.03
N ASN A 91 -38.89 -9.92 -26.95
CA ASN A 91 -39.23 -9.84 -28.37
C ASN A 91 -39.62 -11.16 -29.02
N GLN A 92 -38.71 -12.14 -29.00
CA GLN A 92 -38.94 -13.42 -29.65
C GLN A 92 -40.16 -14.13 -29.06
N THR A 93 -40.31 -13.93 -27.82
CA THR A 93 -41.45 -14.47 -27.10
C THR A 93 -42.08 -13.32 -26.33
N ASP A 94 -42.84 -12.45 -27.00
CA ASP A 94 -43.31 -11.14 -26.53
C ASP A 94 -43.99 -10.93 -25.18
N GLN A 95 -45.21 -11.47 -25.06
CA GLN A 95 -45.91 -11.45 -23.79
C GLN A 95 -45.98 -12.95 -23.52
N GLU A 96 -46.27 -13.73 -24.57
CA GLU A 96 -46.24 -15.16 -24.43
C GLU A 96 -46.89 -15.51 -23.09
N THR A 97 -46.17 -16.28 -22.29
CA THR A 97 -46.61 -16.64 -20.96
C THR A 97 -45.80 -15.88 -19.92
N ARG A 98 -44.92 -14.96 -20.35
CA ARG A 98 -44.14 -14.25 -19.35
C ARG A 98 -45.00 -13.95 -18.13
N THR A 99 -46.28 -13.74 -18.38
CA THR A 99 -47.25 -13.58 -17.31
C THR A 99 -47.40 -14.87 -16.54
N ARG A 100 -47.69 -15.95 -17.27
CA ARG A 100 -47.85 -17.25 -16.65
C ARG A 100 -46.55 -17.73 -16.03
N VAL A 101 -45.43 -17.37 -16.66
CA VAL A 101 -44.11 -17.74 -16.15
C VAL A 101 -43.81 -17.07 -14.81
N LYS A 102 -44.03 -15.76 -14.75
CA LYS A 102 -43.81 -15.02 -13.51
C LYS A 102 -44.77 -15.48 -12.43
N GLN A 103 -45.97 -15.87 -12.82
CA GLN A 103 -46.94 -16.42 -11.89
C GLN A 103 -46.45 -17.75 -11.32
N LEU A 104 -46.01 -18.64 -12.20
CA LEU A 104 -45.51 -19.95 -11.78
C LEU A 104 -44.29 -19.82 -10.90
N ALA A 105 -43.48 -18.80 -11.16
CA ALA A 105 -42.26 -18.57 -10.39
C ALA A 105 -42.59 -18.05 -8.99
N LEU A 106 -43.48 -17.07 -8.92
CA LEU A 106 -43.90 -16.51 -7.63
C LEU A 106 -44.60 -17.57 -6.78
N GLU A 107 -45.39 -18.41 -7.44
CA GLU A 107 -46.03 -19.53 -6.76
C GLU A 107 -45.00 -20.60 -6.38
N THR A 108 -43.93 -20.74 -7.17
CA THR A 108 -42.88 -21.73 -6.92
C THR A 108 -42.08 -21.32 -5.68
N LEU A 109 -42.16 -19.98 -5.33
CA LEU A 109 -41.49 -19.47 -4.14
C LEU A 109 -42.03 -20.17 -2.90
N ALA A 110 -43.31 -20.52 -2.95
CA ALA A 110 -43.99 -21.16 -1.83
C ALA A 110 -43.75 -22.67 -1.79
N SER A 111 -43.07 -23.21 -2.79
CA SER A 111 -42.79 -24.64 -2.85
C SER A 111 -41.96 -25.04 -1.63
N SER A 112 -42.25 -26.24 -1.10
CA SER A 112 -41.68 -26.67 0.17
C SER A 112 -40.16 -26.76 0.15
N ASN A 113 -39.62 -27.15 -1.00
CA ASN A 113 -38.18 -27.27 -1.16
C ASN A 113 -37.53 -25.89 -1.11
N SER A 114 -36.41 -25.77 -0.40
CA SER A 114 -35.60 -24.58 -0.50
C SER A 114 -34.99 -24.49 -1.91
N LYS A 115 -34.68 -25.66 -2.48
CA LYS A 115 -34.10 -25.72 -3.82
C LYS A 115 -35.07 -25.21 -4.88
N ALA A 116 -36.35 -25.52 -4.70
CA ALA A 116 -37.36 -25.09 -5.64
C ALA A 116 -37.48 -23.57 -5.57
N GLY A 117 -37.47 -23.06 -4.35
CA GLY A 117 -37.53 -21.63 -4.13
C GLY A 117 -36.18 -21.00 -4.33
N GLN A 118 -35.14 -21.82 -4.41
CA GLN A 118 -33.80 -21.35 -4.69
C GLN A 118 -33.78 -20.80 -6.11
N ALA A 119 -34.03 -21.70 -7.06
CA ALA A 119 -34.07 -21.34 -8.47
C ALA A 119 -35.25 -20.43 -8.80
N ALA A 120 -36.34 -20.55 -8.05
CA ALA A 120 -37.48 -19.65 -8.23
C ALA A 120 -37.06 -18.23 -7.88
N ALA A 121 -36.31 -18.10 -6.78
CA ALA A 121 -35.80 -16.80 -6.36
C ALA A 121 -34.82 -16.28 -7.39
N GLN A 122 -34.06 -17.19 -8.00
CA GLN A 122 -33.12 -16.84 -9.05
C GLN A 122 -33.84 -16.29 -10.30
N VAL A 123 -34.98 -16.90 -10.62
CA VAL A 123 -35.72 -16.52 -11.82
C VAL A 123 -36.41 -15.17 -11.62
N ILE A 124 -37.02 -14.98 -10.46
CA ILE A 124 -37.60 -13.68 -10.11
C ILE A 124 -36.49 -12.63 -10.08
N ALA A 125 -35.31 -13.05 -9.64
CA ALA A 125 -34.16 -12.15 -9.57
C ALA A 125 -33.72 -11.70 -10.96
N ALA A 126 -33.89 -12.58 -11.94
CA ALA A 126 -33.57 -12.23 -13.32
C ALA A 126 -34.65 -11.34 -13.91
N ILE A 127 -35.91 -11.74 -13.70
CA ILE A 127 -37.04 -11.06 -14.31
C ILE A 127 -37.15 -9.61 -13.84
N ALA A 128 -36.79 -9.45 -12.57
CA ALA A 128 -36.78 -8.10 -12.01
C ALA A 128 -35.73 -7.25 -12.73
N ALA A 129 -34.60 -7.80 -12.99
CA ALA A 129 -33.46 -7.08 -13.52
C ALA A 129 -33.73 -6.52 -14.92
N ILE A 130 -34.71 -7.11 -15.60
CA ILE A 130 -35.09 -6.65 -16.92
C ILE A 130 -36.36 -5.82 -16.88
N GLU A 131 -37.41 -6.43 -16.35
CA GLU A 131 -38.76 -5.85 -16.28
C GLU A 131 -39.09 -4.66 -15.37
N LEU A 132 -38.60 -4.66 -14.14
CA LEU A 132 -38.92 -3.59 -13.20
C LEU A 132 -38.44 -2.20 -13.62
N PRO A 133 -37.16 -2.15 -14.18
CA PRO A 133 -36.74 -0.79 -14.58
C PRO A 133 -37.63 -0.28 -15.71
N ARG A 134 -37.97 -1.17 -16.62
CA ARG A 134 -38.78 -0.83 -17.79
C ARG A 134 -40.21 -0.46 -17.40
N ASN A 135 -40.45 -0.24 -16.11
CA ASN A 135 -41.79 -0.03 -15.55
C ASN A 135 -42.65 -1.26 -15.87
N GLN A 136 -41.98 -2.38 -16.07
CA GLN A 136 -42.62 -3.67 -16.16
C GLN A 136 -42.41 -4.33 -14.79
N TRP A 137 -43.19 -5.36 -14.48
CA TRP A 137 -43.15 -6.01 -13.17
C TRP A 137 -43.62 -5.18 -11.98
N PRO A 138 -44.38 -4.08 -12.20
CA PRO A 138 -44.60 -3.27 -10.96
C PRO A 138 -45.72 -3.93 -10.18
N GLU A 139 -45.76 -3.68 -8.88
CA GLU A 139 -46.69 -4.33 -7.94
C GLU A 139 -46.36 -5.80 -7.72
N LEU A 140 -45.47 -6.36 -8.55
CA LEU A 140 -45.00 -7.73 -8.33
C LEU A 140 -43.87 -7.69 -7.33
N MET A 141 -43.45 -6.47 -6.97
CA MET A 141 -42.42 -6.26 -5.97
C MET A 141 -43.10 -5.97 -4.64
N HIS A 142 -44.16 -5.16 -4.70
CA HIS A 142 -44.90 -4.76 -3.51
C HIS A 142 -45.57 -5.98 -2.85
N ALA A 143 -46.03 -6.91 -3.70
CA ALA A 143 -46.68 -8.12 -3.22
C ALA A 143 -45.70 -9.04 -2.51
N LEU A 144 -44.43 -8.97 -2.91
CA LEU A 144 -43.39 -9.80 -2.33
C LEU A 144 -43.20 -9.52 -0.84
N VAL A 145 -43.35 -8.26 -0.47
CA VAL A 145 -43.22 -7.84 0.93
C VAL A 145 -44.33 -8.45 1.76
N ARG A 146 -45.52 -8.49 1.18
CA ARG A 146 -46.68 -9.09 1.84
C ARG A 146 -46.45 -10.59 1.97
N ASN A 147 -45.75 -11.17 1.01
CA ASN A 147 -45.32 -12.56 1.08
C ASN A 147 -44.31 -12.76 2.21
N VAL A 148 -43.50 -11.73 2.46
CA VAL A 148 -42.50 -11.79 3.52
C VAL A 148 -43.16 -11.70 4.88
N SER A 149 -44.10 -10.76 5.01
CA SER A 149 -44.74 -10.48 6.30
C SER A 149 -45.93 -11.39 6.59
N GLU A 150 -46.31 -12.24 5.64
CA GLU A 150 -47.51 -13.06 5.82
C GLU A 150 -47.39 -14.47 5.22
N GLY A 151 -46.40 -14.68 4.35
CA GLY A 151 -46.34 -15.91 3.57
C GLY A 151 -45.77 -17.11 4.33
N GLY A 152 -45.64 -18.23 3.62
CA GLY A 152 -45.16 -19.46 4.23
C GLY A 152 -43.68 -19.43 4.55
N GLN A 153 -43.22 -20.37 5.37
CA GLN A 153 -41.86 -20.36 5.88
C GLN A 153 -40.81 -20.53 4.77
N HIS A 154 -40.95 -21.59 3.97
CA HIS A 154 -40.09 -21.78 2.80
C HIS A 154 -40.35 -20.66 1.81
N GLN A 155 -41.59 -20.18 1.79
CA GLN A 155 -41.98 -19.08 0.94
C GLN A 155 -41.23 -17.82 1.36
N LYS A 156 -41.00 -17.69 2.67
CA LYS A 156 -40.18 -16.63 3.20
C LYS A 156 -38.74 -16.80 2.76
N GLN A 157 -38.28 -18.04 2.73
CA GLN A 157 -36.92 -18.34 2.28
C GLN A 157 -36.74 -17.79 0.88
N ALA A 158 -37.62 -18.20 -0.01
CA ALA A 158 -37.54 -17.86 -1.42
C ALA A 158 -37.76 -16.37 -1.67
N SER A 159 -38.57 -15.74 -0.82
CA SER A 159 -38.83 -14.31 -0.97
C SER A 159 -37.58 -13.49 -0.67
N LEU A 160 -37.01 -13.68 0.51
CA LEU A 160 -35.82 -12.94 0.90
C LEU A 160 -34.62 -13.41 0.07
N THR A 161 -34.67 -14.66 -0.37
CA THR A 161 -33.62 -15.21 -1.22
C THR A 161 -33.65 -14.48 -2.57
N ALA A 162 -34.86 -14.12 -3.00
CA ALA A 162 -35.03 -13.36 -4.23
C ALA A 162 -34.49 -11.95 -4.03
N ILE A 163 -34.79 -11.38 -2.88
CA ILE A 163 -34.35 -10.03 -2.55
C ILE A 163 -32.83 -10.02 -2.47
N GLY A 164 -32.24 -11.10 -1.99
CA GLY A 164 -30.80 -11.20 -1.90
C GLY A 164 -30.21 -11.29 -3.29
N PHE A 165 -30.73 -12.20 -4.10
CA PHE A 165 -30.19 -12.43 -5.44
C PHE A 165 -30.31 -11.22 -6.35
N ILE A 166 -31.32 -10.38 -6.10
CA ILE A 166 -31.46 -9.14 -6.86
C ILE A 166 -30.48 -8.06 -6.38
N CYS A 167 -30.40 -7.88 -5.07
CA CYS A 167 -29.63 -6.78 -4.50
C CYS A 167 -28.12 -6.99 -4.60
N GLU A 168 -27.69 -8.21 -4.88
CA GLU A 168 -26.26 -8.54 -4.98
C GLU A 168 -25.56 -7.80 -6.12
N THR A 169 -26.29 -7.51 -7.19
CA THR A 169 -25.71 -6.93 -8.40
C THR A 169 -25.29 -5.47 -8.20
N GLN A 170 -24.16 -5.10 -8.78
CA GLN A 170 -23.73 -3.70 -8.84
C GLN A 170 -23.98 -3.10 -10.21
N ASP A 171 -25.06 -2.34 -10.33
CA ASP A 171 -25.45 -1.72 -11.61
C ASP A 171 -26.15 -0.39 -11.36
N THR A 172 -25.55 0.69 -11.83
CA THR A 172 -25.97 2.05 -11.49
C THR A 172 -27.37 2.42 -12.01
N ASP A 173 -27.74 1.91 -13.18
CA ASP A 173 -29.09 2.16 -13.69
C ASP A 173 -30.08 1.14 -13.15
N LEU A 174 -29.61 -0.09 -12.95
CA LEU A 174 -30.43 -1.09 -12.29
C LEU A 174 -30.80 -0.56 -10.92
N ARG A 175 -29.79 -0.10 -10.16
CA ARG A 175 -30.04 0.43 -8.83
C ARG A 175 -30.84 1.72 -8.94
N ASN A 176 -30.71 2.44 -10.06
CA ASN A 176 -31.47 3.65 -10.29
C ASN A 176 -32.96 3.36 -10.29
N SER A 177 -33.32 2.19 -10.81
CA SER A 177 -34.71 1.74 -10.76
C SER A 177 -34.98 0.97 -9.47
N LEU A 178 -33.91 0.58 -8.77
CA LEU A 178 -34.05 -0.16 -7.52
C LEU A 178 -34.17 0.76 -6.30
N VAL A 179 -33.82 2.04 -6.45
CA VAL A 179 -33.95 2.99 -5.34
C VAL A 179 -35.42 3.14 -4.98
N GLY A 180 -36.28 3.07 -5.99
CA GLY A 180 -37.70 3.23 -5.77
C GLY A 180 -38.28 2.02 -5.05
N HIS A 181 -37.66 0.87 -5.25
CA HIS A 181 -38.11 -0.37 -4.63
C HIS A 181 -37.36 -0.64 -3.32
N SER A 182 -36.39 0.22 -2.99
CA SER A 182 -35.58 0.05 -1.79
C SER A 182 -36.42 0.12 -0.53
N ASN A 183 -37.50 0.88 -0.59
CA ASN A 183 -38.41 1.04 0.54
C ASN A 183 -39.03 -0.28 0.96
N ALA A 184 -39.61 -0.97 -0.01
CA ALA A 184 -40.30 -2.24 0.25
C ALA A 184 -39.29 -3.28 0.72
N ILE A 185 -38.07 -3.17 0.19
CA ILE A 185 -36.99 -4.09 0.54
C ILE A 185 -36.56 -3.94 1.99
N LEU A 186 -36.33 -2.69 2.40
CA LEU A 186 -35.86 -2.40 3.74
C LEU A 186 -36.93 -2.69 4.79
N THR A 187 -38.18 -2.34 4.51
CA THR A 187 -39.25 -2.64 5.45
C THR A 187 -39.43 -4.16 5.55
N ALA A 188 -39.23 -4.87 4.45
CA ALA A 188 -39.35 -6.33 4.44
C ALA A 188 -38.27 -6.99 5.30
N VAL A 189 -37.02 -6.59 5.08
CA VAL A 189 -35.91 -7.17 5.82
C VAL A 189 -35.99 -6.77 7.30
N VAL A 190 -36.67 -5.67 7.59
CA VAL A 190 -37.04 -5.34 8.96
C VAL A 190 -37.99 -6.40 9.51
N GLN A 191 -39.01 -6.73 8.74
CA GLN A 191 -40.04 -7.67 9.19
C GLN A 191 -39.48 -9.07 9.42
N GLY A 192 -38.53 -9.47 8.58
CA GLY A 192 -38.04 -10.85 8.58
C GLY A 192 -36.97 -11.21 9.59
N ALA A 193 -36.17 -10.24 10.01
CA ALA A 193 -35.06 -10.50 10.92
C ALA A 193 -35.51 -10.48 12.37
N ARG A 194 -36.79 -10.18 12.58
CA ARG A 194 -37.36 -9.98 13.91
C ARG A 194 -37.28 -11.19 14.84
N LYS A 195 -37.18 -10.93 16.14
CA LYS A 195 -37.31 -11.96 17.16
C LYS A 195 -38.68 -12.58 17.01
N GLU A 196 -39.64 -11.74 16.62
CA GLU A 196 -41.01 -12.16 16.41
C GLU A 196 -41.07 -13.24 15.33
N GLU A 197 -40.12 -13.18 14.39
CA GLU A 197 -40.02 -14.19 13.36
C GLU A 197 -39.34 -15.46 13.89
N PRO A 198 -39.94 -16.62 13.61
CA PRO A 198 -39.46 -17.94 14.07
C PRO A 198 -38.20 -18.53 13.43
N ASN A 199 -38.13 -18.54 12.11
CA ASN A 199 -37.06 -19.24 11.41
C ASN A 199 -35.76 -18.46 11.57
N ASN A 200 -34.67 -19.20 11.72
CA ASN A 200 -33.35 -18.61 11.72
C ASN A 200 -32.89 -18.35 10.29
N GLU A 201 -33.22 -19.30 9.42
CA GLU A 201 -32.78 -19.25 8.02
C GLU A 201 -33.37 -18.06 7.28
N VAL A 202 -34.59 -17.69 7.64
CA VAL A 202 -35.23 -16.52 7.05
C VAL A 202 -34.47 -15.27 7.48
N ARG A 203 -33.84 -15.34 8.65
CA ARG A 203 -33.04 -14.23 9.17
C ARG A 203 -31.66 -14.22 8.53
N PHE A 204 -31.18 -15.39 8.11
CA PHE A 204 -29.94 -15.45 7.33
C PHE A 204 -30.16 -14.76 5.98
N ALA A 205 -31.28 -15.09 5.34
CA ALA A 205 -31.64 -14.50 4.06
C ALA A 205 -31.96 -13.01 4.23
N ALA A 206 -32.47 -12.64 5.41
CA ALA A 206 -32.81 -11.25 5.68
C ALA A 206 -31.56 -10.40 5.82
N ILE A 207 -30.61 -10.87 6.64
CA ILE A 207 -29.35 -10.17 6.83
C ILE A 207 -28.48 -10.23 5.57
N THR A 208 -28.60 -11.30 4.80
CA THR A 208 -27.89 -11.39 3.53
C THR A 208 -28.48 -10.34 2.59
N ALA A 209 -29.78 -10.18 2.65
CA ALA A 209 -30.49 -9.17 1.87
C ALA A 209 -30.05 -7.79 2.33
N LEU A 210 -29.73 -7.67 3.61
CA LEU A 210 -29.18 -6.42 4.15
C LEU A 210 -27.80 -6.17 3.56
N GLY A 211 -26.98 -7.22 3.52
CA GLY A 211 -25.59 -7.10 3.13
C GLY A 211 -25.40 -6.66 1.69
N ASP A 212 -26.28 -7.13 0.81
CA ASP A 212 -26.22 -6.71 -0.59
C ASP A 212 -27.14 -5.53 -0.93
N SER A 213 -28.18 -5.29 -0.14
CA SER A 213 -28.99 -4.08 -0.31
C SER A 213 -28.18 -2.84 0.03
N LEU A 214 -27.30 -3.00 1.03
CA LEU A 214 -26.54 -1.86 1.57
C LEU A 214 -25.32 -1.59 0.72
N GLU A 215 -25.14 -2.39 -0.33
CA GLU A 215 -24.24 -2.01 -1.40
C GLU A 215 -24.80 -0.71 -1.98
N PHE A 216 -26.11 -0.58 -1.87
CA PHE A 216 -26.83 0.63 -2.29
C PHE A 216 -27.28 1.42 -1.06
N VAL A 217 -26.52 2.46 -0.72
CA VAL A 217 -26.85 3.31 0.41
C VAL A 217 -27.45 4.60 -0.16
N GLY A 218 -27.79 4.56 -1.45
CA GLY A 218 -28.42 5.69 -2.10
C GLY A 218 -29.69 6.04 -1.35
N ASN A 219 -29.83 7.31 -1.00
CA ASN A 219 -30.84 7.76 -0.03
C ASN A 219 -30.63 7.10 1.33
N ASN A 220 -30.87 5.78 1.38
CA ASN A 220 -30.75 4.98 2.59
C ASN A 220 -31.62 5.52 3.72
N PHE A 221 -32.64 6.29 3.33
CA PHE A 221 -33.65 6.77 4.27
C PHE A 221 -33.00 7.52 5.43
N LYS A 222 -32.71 8.80 5.19
CA LYS A 222 -32.03 9.64 6.17
C LYS A 222 -32.87 9.75 7.45
N HIS A 223 -34.17 9.48 7.29
CA HIS A 223 -35.13 9.59 8.38
C HIS A 223 -34.76 8.66 9.53
N GLU A 224 -34.79 9.18 10.75
CA GLU A 224 -34.28 8.43 11.89
C GLU A 224 -35.21 7.33 12.40
N GLY A 225 -36.46 7.34 11.96
CA GLY A 225 -37.42 6.37 12.45
C GLY A 225 -37.11 4.99 11.94
N GLU A 226 -37.00 4.87 10.63
CA GLU A 226 -36.71 3.60 9.98
C GLU A 226 -35.33 3.12 10.42
N ARG A 227 -34.44 4.08 10.62
CA ARG A 227 -33.09 3.82 11.10
C ARG A 227 -33.11 3.32 12.54
N ASN A 228 -34.12 3.76 13.31
CA ASN A 228 -34.28 3.25 14.67
C ASN A 228 -34.68 1.78 14.64
N TYR A 229 -35.67 1.44 13.83
CA TYR A 229 -36.12 0.05 13.74
C TYR A 229 -35.00 -0.83 13.20
N ILE A 230 -34.20 -0.29 12.29
CA ILE A 230 -33.11 -1.06 11.69
C ILE A 230 -32.02 -1.32 12.71
N MET A 231 -31.58 -0.29 13.41
CA MET A 231 -30.54 -0.48 14.41
C MET A 231 -31.05 -1.36 15.54
N GLN A 232 -32.35 -1.30 15.81
CA GLN A 232 -32.96 -2.21 16.78
C GLN A 232 -32.86 -3.66 16.31
N VAL A 233 -33.12 -3.89 15.03
CA VAL A 233 -33.22 -5.26 14.52
C VAL A 233 -31.82 -5.81 14.28
N VAL A 234 -30.84 -4.92 14.24
CA VAL A 234 -29.44 -5.32 14.08
C VAL A 234 -28.84 -5.61 15.45
N CYS A 235 -29.15 -4.77 16.43
CA CYS A 235 -28.81 -5.04 17.81
C CYS A 235 -29.46 -6.35 18.23
N GLU A 236 -30.66 -6.55 17.69
CA GLU A 236 -31.37 -7.81 17.82
C GLU A 236 -30.61 -8.95 17.14
N ALA A 237 -30.08 -8.64 15.97
CA ALA A 237 -29.46 -9.65 15.12
C ALA A 237 -28.18 -10.19 15.76
N THR A 238 -27.54 -9.38 16.59
CA THR A 238 -26.34 -9.79 17.31
C THR A 238 -26.67 -10.57 18.59
N GLN A 239 -27.94 -10.51 18.99
CA GLN A 239 -28.39 -11.14 20.24
C GLN A 239 -28.66 -12.64 20.10
N ALA A 240 -28.68 -13.13 18.87
CA ALA A 240 -29.10 -14.51 18.60
C ALA A 240 -28.20 -15.53 19.30
N GLN A 241 -28.81 -16.61 19.79
CA GLN A 241 -28.04 -17.70 20.37
C GLN A 241 -27.22 -18.39 19.29
N ASP A 242 -27.73 -18.36 18.07
CA ASP A 242 -27.02 -18.95 16.94
C ASP A 242 -25.72 -18.19 16.70
N SER A 243 -24.68 -18.91 16.33
CA SER A 243 -23.42 -18.29 15.96
C SER A 243 -23.54 -17.62 14.60
N ARG A 244 -24.10 -18.34 13.65
CA ARG A 244 -24.07 -17.97 12.25
C ARG A 244 -24.89 -16.70 11.96
N ILE A 245 -26.06 -16.59 12.60
CA ILE A 245 -26.87 -15.36 12.48
C ILE A 245 -26.12 -14.18 13.06
N GLN A 246 -25.40 -14.41 14.14
CA GLN A 246 -24.55 -13.38 14.70
C GLN A 246 -23.48 -13.01 13.69
N GLN A 247 -22.98 -13.99 12.93
CA GLN A 247 -21.93 -13.70 11.95
C GLN A 247 -22.44 -12.74 10.90
N GLY A 248 -23.63 -13.02 10.36
CA GLY A 248 -24.20 -12.17 9.34
C GLY A 248 -24.51 -10.81 9.95
N ALA A 249 -24.94 -10.83 11.20
CA ALA A 249 -25.32 -9.62 11.91
C ALA A 249 -24.13 -8.69 12.07
N PHE A 250 -23.05 -9.25 12.61
CA PHE A 250 -21.86 -8.46 12.86
C PHE A 250 -21.22 -7.99 11.54
N GLY A 251 -21.35 -8.81 10.50
CA GLY A 251 -20.78 -8.48 9.21
C GLY A 251 -21.51 -7.33 8.54
N CYS A 252 -22.84 -7.40 8.53
CA CYS A 252 -23.64 -6.32 7.97
C CYS A 252 -23.47 -5.06 8.79
N LEU A 253 -23.31 -5.23 10.10
CA LEU A 253 -23.14 -4.10 11.00
C LEU A 253 -21.80 -3.46 10.66
N ASN A 254 -20.84 -4.29 10.24
CA ASN A 254 -19.51 -3.81 9.85
C ASN A 254 -19.60 -2.90 8.64
N ARG A 255 -20.22 -3.39 7.57
CA ARG A 255 -20.33 -2.64 6.34
C ARG A 255 -21.09 -1.35 6.63
N ILE A 256 -22.08 -1.45 7.51
CA ILE A 256 -22.85 -0.30 7.95
C ILE A 256 -21.99 0.72 8.72
N MET A 257 -21.01 0.23 9.47
CA MET A 257 -20.14 1.14 10.20
C MET A 257 -19.17 1.79 9.20
N ALA A 258 -19.05 1.17 8.03
CA ALA A 258 -18.39 1.80 6.90
C ALA A 258 -19.38 2.68 6.14
N LEU A 259 -20.64 2.67 6.57
CA LEU A 259 -21.69 3.43 5.89
C LEU A 259 -22.18 4.60 6.73
N TYR A 260 -23.43 4.54 7.20
CA TYR A 260 -24.03 5.74 7.80
C TYR A 260 -23.52 5.94 9.23
N TYR A 261 -22.29 6.40 9.35
CA TYR A 261 -21.75 6.81 10.64
C TYR A 261 -22.57 7.97 11.22
N GLU A 262 -23.17 8.77 10.33
CA GLU A 262 -23.85 10.00 10.72
C GLU A 262 -25.01 9.78 11.68
N HIS A 263 -25.96 8.93 11.30
CA HIS A 263 -27.03 8.55 12.21
C HIS A 263 -26.53 7.63 13.30
N MET A 264 -25.43 6.94 13.00
CA MET A 264 -24.89 5.93 13.91
C MET A 264 -24.40 6.55 15.22
N ARG A 265 -24.06 7.83 15.17
CA ARG A 265 -23.40 8.50 16.28
C ARG A 265 -24.19 8.45 17.59
N TYR A 266 -25.51 8.40 17.48
CA TYR A 266 -26.38 8.42 18.65
C TYR A 266 -26.65 7.02 19.19
N TYR A 267 -26.81 6.06 18.27
CA TYR A 267 -27.02 4.67 18.67
C TYR A 267 -25.76 4.11 19.33
N MET A 268 -24.60 4.65 18.97
CA MET A 268 -23.32 4.17 19.48
C MET A 268 -23.14 4.33 20.98
N GLU A 269 -23.76 5.37 21.55
CA GLU A 269 -23.25 5.95 22.78
C GLU A 269 -23.58 5.21 24.07
N LYS A 270 -24.41 4.17 24.01
CA LYS A 270 -24.67 3.38 25.20
C LYS A 270 -24.47 1.87 25.04
N ALA A 271 -25.53 1.20 24.59
CA ALA A 271 -25.56 -0.26 24.63
C ALA A 271 -24.50 -0.92 23.77
N LEU A 272 -24.16 -0.28 22.64
CA LEU A 272 -23.28 -0.91 21.66
C LEU A 272 -21.89 -1.23 22.22
N PHE A 273 -21.43 -0.45 23.20
CA PHE A 273 -20.13 -0.71 23.79
C PHE A 273 -20.11 -2.06 24.48
N GLY A 274 -21.10 -2.30 25.33
CA GLY A 274 -21.16 -3.54 26.09
C GLY A 274 -21.60 -4.71 25.24
N LEU A 275 -22.32 -4.41 24.16
CA LEU A 275 -22.71 -5.43 23.20
C LEU A 275 -21.47 -5.94 22.48
N THR A 276 -20.67 -4.99 22.01
CA THR A 276 -19.42 -5.31 21.31
C THR A 276 -18.46 -6.04 22.24
N ILE A 277 -18.42 -5.64 23.50
CA ILE A 277 -17.60 -6.34 24.49
C ILE A 277 -18.10 -7.76 24.69
N LEU A 278 -19.42 -7.93 24.63
CA LEU A 278 -20.02 -9.24 24.83
C LEU A 278 -19.66 -10.17 23.67
N GLY A 279 -19.61 -9.62 22.46
CA GLY A 279 -19.28 -10.40 21.28
C GLY A 279 -17.79 -10.67 21.15
N MET A 280 -16.98 -9.72 21.62
CA MET A 280 -15.53 -9.89 21.62
C MET A 280 -15.11 -10.98 22.61
N LYS A 281 -15.89 -11.13 23.68
CA LYS A 281 -15.61 -12.15 24.70
C LYS A 281 -16.11 -13.52 24.30
N SER A 282 -16.86 -13.58 23.19
CA SER A 282 -17.55 -14.81 22.82
C SER A 282 -16.59 -15.97 22.65
N ASP A 283 -17.00 -17.14 23.13
CA ASP A 283 -16.21 -18.36 22.99
C ASP A 283 -16.10 -18.73 21.52
N ASP A 284 -17.05 -18.25 20.74
CA ASP A 284 -17.05 -18.45 19.29
C ASP A 284 -15.87 -17.71 18.68
N GLU A 285 -15.28 -18.32 17.64
CA GLU A 285 -14.10 -17.76 16.99
C GLU A 285 -14.44 -16.79 15.87
N ASP A 286 -15.11 -17.28 14.83
CA ASP A 286 -15.37 -16.47 13.64
C ASP A 286 -16.24 -15.28 14.02
N VAL A 287 -17.15 -15.47 14.97
CA VAL A 287 -17.92 -14.36 15.53
C VAL A 287 -17.01 -13.40 16.27
N ALA A 288 -16.01 -13.93 16.97
CA ALA A 288 -15.02 -13.07 17.60
C ALA A 288 -14.22 -12.34 16.53
N LYS A 289 -14.00 -12.99 15.39
CA LYS A 289 -13.26 -12.39 14.29
C LYS A 289 -14.00 -11.20 13.69
N LEU A 290 -15.29 -11.36 13.45
CA LEU A 290 -16.08 -10.24 12.94
C LEU A 290 -16.25 -9.17 14.01
N ALA A 291 -16.33 -9.58 15.27
CA ALA A 291 -16.46 -8.64 16.37
C ALA A 291 -15.20 -7.77 16.41
N VAL A 292 -14.09 -8.38 16.03
CA VAL A 292 -12.83 -7.70 15.80
C VAL A 292 -12.90 -6.81 14.56
N GLU A 293 -13.57 -7.29 13.52
CA GLU A 293 -13.61 -6.61 12.24
C GLU A 293 -14.34 -5.26 12.33
N PHE A 294 -15.28 -5.14 13.27
CA PHE A 294 -15.88 -3.85 13.59
C PHE A 294 -14.89 -2.73 13.77
N TRP A 295 -14.12 -2.87 14.83
CA TRP A 295 -13.25 -1.80 15.28
C TRP A 295 -12.07 -1.73 14.33
N SER A 296 -11.85 -2.81 13.57
CA SER A 296 -10.91 -2.77 12.47
C SER A 296 -11.38 -1.72 11.46
N THR A 297 -12.64 -1.84 11.05
CA THR A 297 -13.25 -0.90 10.13
C THR A 297 -13.40 0.49 10.74
N VAL A 298 -13.68 0.52 12.04
CA VAL A 298 -13.88 1.77 12.77
C VAL A 298 -12.59 2.56 12.77
N CYS A 299 -11.51 1.89 13.14
CA CYS A 299 -10.20 2.52 13.16
C CYS A 299 -9.78 2.90 11.75
N GLU A 300 -10.19 2.14 10.74
CA GLU A 300 -9.88 2.50 9.36
C GLU A 300 -10.51 3.84 8.97
N GLU A 301 -11.82 3.94 9.08
CA GLU A 301 -12.51 5.17 8.68
C GLU A 301 -12.13 6.36 9.54
N GLU A 302 -11.97 6.13 10.85
CA GLU A 302 -11.53 7.21 11.73
C GLU A 302 -10.08 7.62 11.49
N ILE A 303 -9.27 6.70 10.97
CA ILE A 303 -7.93 7.07 10.51
C ILE A 303 -8.05 7.98 9.30
N ALA A 304 -8.95 7.65 8.39
CA ALA A 304 -9.15 8.45 7.18
C ALA A 304 -9.61 9.85 7.53
N ILE A 305 -10.47 9.96 8.56
CA ILE A 305 -11.00 11.26 8.95
C ILE A 305 -9.97 12.04 9.77
N GLU A 306 -9.26 11.36 10.67
CA GLU A 306 -8.21 12.01 11.46
C GLU A 306 -7.13 12.56 10.54
N ASP A 307 -6.90 11.87 9.43
CA ASP A 307 -5.92 12.30 8.44
C ASP A 307 -6.52 13.17 7.34
N ASP A 308 -7.82 13.44 7.41
CA ASP A 308 -8.41 14.48 6.58
C ASP A 308 -8.65 15.78 7.36
N ASN A 309 -8.66 15.69 8.69
CA ASN A 309 -8.92 16.88 9.52
C ASN A 309 -7.70 17.75 9.73
N ALA A 310 -6.51 17.22 9.45
CA ALA A 310 -5.29 18.00 9.49
C ALA A 310 -5.10 18.73 8.17
N GLN A 311 -5.71 18.19 7.12
CA GLN A 311 -5.64 18.77 5.79
C GLN A 311 -6.61 19.94 5.67
N VAL A 312 -7.49 20.08 6.66
CA VAL A 312 -8.45 21.17 6.71
C VAL A 312 -7.77 22.53 6.80
N GLU A 313 -8.23 23.47 5.97
CA GLU A 313 -7.86 24.88 6.12
C GLU A 313 -9.00 25.65 6.77
N SER A 314 -10.22 25.16 6.58
CA SER A 314 -11.41 25.78 7.13
C SER A 314 -12.50 24.73 7.34
N SER A 315 -13.37 24.95 8.32
CA SER A 315 -14.25 23.90 8.84
C SER A 315 -15.28 23.37 7.83
N GLU A 316 -15.61 24.13 6.79
CA GLU A 316 -16.53 23.62 5.78
C GLU A 316 -15.89 22.44 5.06
N GLN A 317 -14.56 22.42 5.03
CA GLN A 317 -13.79 21.33 4.47
C GLN A 317 -13.85 20.08 5.35
N MET A 318 -14.14 20.28 6.63
CA MET A 318 -14.10 19.18 7.61
C MET A 318 -15.09 18.08 7.28
N ARG A 319 -14.62 16.85 7.33
CA ARG A 319 -15.51 15.71 7.39
C ARG A 319 -15.90 15.49 8.84
N PRO A 320 -17.09 14.92 9.08
CA PRO A 320 -17.53 14.66 10.45
C PRO A 320 -16.57 13.72 11.16
N PHE A 321 -16.36 13.92 12.46
CA PHE A 321 -15.52 13.01 13.22
C PHE A 321 -16.20 12.69 14.55
N TYR A 322 -16.06 11.45 14.98
CA TYR A 322 -16.91 10.94 16.05
C TYR A 322 -16.17 10.55 17.31
N ASN A 323 -14.86 10.35 17.18
CA ASN A 323 -14.01 10.09 18.32
C ASN A 323 -14.54 8.86 19.06
N PHE A 324 -15.03 7.89 18.27
CA PHE A 324 -15.55 6.64 18.81
C PHE A 324 -14.46 5.87 19.53
N ALA A 325 -13.26 5.94 18.98
CA ALA A 325 -12.17 5.10 19.45
C ALA A 325 -11.77 5.44 20.88
N ARG A 326 -11.47 6.73 21.11
CA ARG A 326 -10.88 7.16 22.37
C ARG A 326 -11.84 6.93 23.54
N VAL A 327 -13.13 6.95 23.24
CA VAL A 327 -14.16 6.69 24.24
C VAL A 327 -14.26 5.20 24.52
N ALA A 328 -14.31 4.41 23.45
CA ALA A 328 -14.49 2.97 23.55
C ALA A 328 -13.33 2.21 24.18
N THR A 329 -12.11 2.73 24.03
CA THR A 329 -10.90 1.94 24.33
C THR A 329 -10.81 1.41 25.75
N ASN A 330 -11.22 2.21 26.73
CA ASN A 330 -11.06 1.79 28.12
C ASN A 330 -11.95 0.61 28.45
N GLU A 331 -12.99 0.41 27.65
CA GLU A 331 -13.85 -0.77 27.77
C GLU A 331 -13.45 -1.89 26.80
N VAL A 332 -12.87 -1.51 25.66
CA VAL A 332 -12.60 -2.46 24.58
C VAL A 332 -11.24 -3.17 24.74
N VAL A 333 -10.22 -2.39 25.12
CA VAL A 333 -8.84 -2.91 25.24
C VAL A 333 -8.66 -4.13 26.15
N PRO A 334 -9.28 -4.15 27.36
CA PRO A 334 -9.04 -5.32 28.20
C PRO A 334 -9.42 -6.62 27.52
N VAL A 335 -10.45 -6.56 26.69
CA VAL A 335 -10.85 -7.71 25.90
C VAL A 335 -9.75 -8.06 24.90
N LEU A 336 -9.02 -7.05 24.43
CA LEU A 336 -7.95 -7.27 23.47
C LEU A 336 -6.78 -8.02 24.13
N LEU A 337 -6.44 -7.67 25.35
CA LEU A 337 -5.47 -8.46 26.10
C LEU A 337 -5.99 -9.88 26.27
N GLN A 338 -7.26 -9.97 26.66
CA GLN A 338 -7.85 -11.25 27.01
C GLN A 338 -7.84 -12.16 25.78
N LEU A 339 -7.93 -11.54 24.62
CA LEU A 339 -7.87 -12.29 23.37
C LEU A 339 -6.43 -12.48 22.89
N LEU A 340 -5.48 -11.80 23.52
CA LEU A 340 -4.07 -12.04 23.24
C LEU A 340 -3.52 -13.23 24.01
N THR A 341 -3.96 -13.38 25.26
CA THR A 341 -3.46 -14.44 26.12
C THR A 341 -3.81 -15.78 25.49
N LYS A 342 -5.00 -15.85 24.90
CA LYS A 342 -5.41 -17.01 24.14
C LYS A 342 -4.56 -17.08 22.88
N GLN A 343 -4.06 -18.28 22.56
CA GLN A 343 -3.17 -18.46 21.41
C GLN A 343 -3.23 -19.88 20.88
N ASP A 344 -2.75 -20.06 19.66
CA ASP A 344 -2.80 -21.37 19.00
C ASP A 344 -1.55 -21.60 18.15
N GLU A 345 -0.54 -22.24 18.73
CA GLU A 345 0.63 -22.65 17.96
C GLU A 345 0.26 -23.71 16.91
N ASP A 346 -0.78 -24.49 17.20
CA ASP A 346 -1.23 -25.52 16.26
C ASP A 346 -1.83 -24.91 15.00
N ALA A 347 -2.32 -23.68 15.10
CA ALA A 347 -2.87 -22.99 13.94
C ALA A 347 -1.76 -22.75 12.92
N SER A 348 -2.09 -22.92 11.65
CA SER A 348 -1.10 -22.73 10.58
C SER A 348 -0.69 -21.26 10.53
N ASP A 349 0.59 -21.03 10.27
CA ASP A 349 1.13 -19.68 10.30
C ASP A 349 0.52 -18.86 9.16
N ASP A 350 0.37 -17.56 9.41
CA ASP A 350 -0.33 -16.65 8.50
C ASP A 350 -1.76 -17.08 8.20
N GLU A 351 -2.35 -17.85 9.11
CA GLU A 351 -3.80 -17.95 9.16
C GLU A 351 -4.28 -17.06 10.29
N TYR A 352 -5.28 -16.24 10.00
CA TYR A 352 -5.74 -15.25 10.96
C TYR A 352 -6.36 -15.92 12.18
N ASN A 353 -6.11 -15.33 13.35
CA ASN A 353 -6.55 -15.90 14.61
C ASN A 353 -7.03 -14.77 15.51
N ILE A 354 -7.81 -15.11 16.52
CA ILE A 354 -8.43 -14.11 17.38
C ILE A 354 -7.37 -13.25 18.05
N SER A 355 -6.28 -13.88 18.51
CA SER A 355 -5.16 -13.15 19.08
C SER A 355 -4.46 -12.32 18.01
N ARG A 356 -4.45 -12.86 16.80
CA ARG A 356 -3.70 -12.27 15.70
C ARG A 356 -4.40 -10.98 15.28
N ALA A 357 -5.70 -11.10 14.99
CA ALA A 357 -6.50 -9.94 14.63
C ALA A 357 -6.65 -8.97 15.79
N ALA A 358 -6.61 -9.48 17.03
CA ALA A 358 -6.63 -8.62 18.20
C ALA A 358 -5.38 -7.77 18.25
N TYR A 359 -4.26 -8.35 17.82
CA TYR A 359 -3.00 -7.63 17.84
C TYR A 359 -2.99 -6.57 16.76
N GLN A 360 -3.44 -6.96 15.57
CA GLN A 360 -3.45 -6.05 14.43
C GLN A 360 -4.37 -4.88 14.69
N CYS A 361 -5.56 -5.16 15.23
CA CYS A 361 -6.49 -4.10 15.58
C CYS A 361 -5.97 -3.27 16.74
N LEU A 362 -5.18 -3.88 17.61
CA LEU A 362 -4.56 -3.13 18.71
C LEU A 362 -3.59 -2.13 18.12
N GLN A 363 -2.96 -2.50 17.00
CA GLN A 363 -2.12 -1.58 16.26
C GLN A 363 -2.95 -0.46 15.62
N LEU A 364 -4.14 -0.80 15.16
CA LEU A 364 -5.00 0.19 14.52
C LEU A 364 -5.44 1.22 15.55
N TYR A 365 -5.79 0.75 16.75
CA TYR A 365 -6.08 1.67 17.83
C TYR A 365 -4.83 2.48 18.14
N ALA A 366 -3.68 1.83 18.06
CA ALA A 366 -2.42 2.46 18.43
C ALA A 366 -2.13 3.64 17.51
N GLN A 367 -2.58 3.53 16.26
CA GLN A 367 -2.31 4.57 15.26
C GLN A 367 -3.48 5.55 15.06
N ALA A 368 -4.61 5.28 15.69
CA ALA A 368 -5.75 6.19 15.62
C ALA A 368 -6.05 6.84 16.96
N VAL A 369 -6.09 6.02 18.00
CA VAL A 369 -6.41 6.48 19.34
C VAL A 369 -5.29 7.38 19.87
N GLY A 370 -4.09 7.19 19.35
CA GLY A 370 -2.95 8.00 19.73
C GLY A 370 -2.51 7.68 21.15
N SER A 371 -1.91 8.65 21.83
CA SER A 371 -1.38 8.44 23.18
C SER A 371 -2.48 8.02 24.15
N THR A 372 -3.71 8.38 23.79
CA THR A 372 -4.87 8.07 24.59
C THR A 372 -5.10 6.55 24.74
N ILE A 373 -4.49 5.76 23.85
CA ILE A 373 -4.57 4.29 23.96
C ILE A 373 -3.80 3.74 25.16
N ILE A 374 -2.80 4.48 25.63
CA ILE A 374 -1.81 3.95 26.58
C ILE A 374 -2.35 3.39 27.90
N PRO A 375 -3.21 4.14 28.62
CA PRO A 375 -3.44 3.76 30.02
C PRO A 375 -3.97 2.35 30.31
N PRO A 376 -4.84 1.78 29.44
CA PRO A 376 -5.20 0.40 29.76
C PRO A 376 -4.01 -0.55 29.58
N VAL A 377 -3.34 -0.43 28.45
CA VAL A 377 -2.32 -1.40 28.04
C VAL A 377 -1.24 -1.60 29.09
N ILE A 378 -0.69 -0.52 29.60
CA ILE A 378 0.39 -0.60 30.58
C ILE A 378 -0.09 -1.38 31.80
N GLN A 379 -1.34 -1.16 32.19
CA GLN A 379 -1.93 -1.83 33.33
C GLN A 379 -1.80 -3.34 33.17
N PHE A 380 -2.22 -3.82 32.01
CA PHE A 380 -2.23 -5.25 31.74
C PHE A 380 -0.79 -5.77 31.61
N VAL A 381 0.10 -4.90 31.15
CA VAL A 381 1.52 -5.23 31.09
C VAL A 381 2.09 -5.28 32.51
N GLU A 382 1.58 -4.41 33.37
CA GLU A 382 2.03 -4.35 34.76
C GLU A 382 1.67 -5.64 35.49
N HIS A 383 0.52 -6.20 35.14
CA HIS A 383 0.05 -7.43 35.78
C HIS A 383 0.91 -8.63 35.40
N ASN A 384 1.26 -8.69 34.12
CA ASN A 384 1.57 -9.97 33.48
C ASN A 384 3.03 -10.22 33.12
N LEU A 385 3.87 -9.22 33.32
CA LEU A 385 5.20 -9.23 32.72
C LEU A 385 6.05 -10.39 33.23
N ARG A 386 5.78 -10.81 34.46
CA ARG A 386 6.59 -11.81 35.13
C ARG A 386 5.84 -13.14 35.23
N HIS A 387 4.68 -13.21 34.57
CA HIS A 387 3.74 -14.32 34.74
C HIS A 387 4.38 -15.65 34.35
N ALA A 388 3.96 -16.74 35.00
CA ALA A 388 4.53 -18.06 34.74
C ALA A 388 4.12 -18.62 33.38
N ASP A 389 2.82 -18.56 33.09
CA ASP A 389 2.30 -19.07 31.83
C ASP A 389 2.88 -18.24 30.69
N TRP A 390 3.38 -18.90 29.65
CA TRP A 390 4.08 -18.19 28.58
C TRP A 390 3.12 -17.44 27.67
N HIS A 391 1.85 -17.82 27.72
CA HIS A 391 0.83 -17.14 26.92
C HIS A 391 0.73 -15.68 27.38
N PHE A 392 0.86 -15.48 28.69
CA PHE A 392 0.73 -14.16 29.29
C PHE A 392 1.95 -13.27 29.08
N ARG A 393 3.18 -13.91 28.97
CA ARG A 393 4.39 -13.14 28.73
C ARG A 393 4.47 -12.77 27.26
N ASP A 394 4.10 -13.67 26.47
CA ASP A 394 4.10 -13.37 25.05
C ASP A 394 3.08 -12.28 24.76
N ALA A 395 1.91 -12.39 25.38
CA ALA A 395 0.88 -11.37 25.22
C ALA A 395 1.34 -10.06 25.83
N ALA A 396 2.19 -10.15 26.85
CA ALA A 396 2.68 -8.97 27.55
C ALA A 396 3.56 -8.15 26.61
N VAL A 397 4.68 -8.73 26.22
CA VAL A 397 5.64 -8.01 25.37
C VAL A 397 5.07 -7.71 23.99
N SER A 398 4.16 -8.55 23.50
CA SER A 398 3.47 -8.24 22.25
C SER A 398 2.64 -6.98 22.42
N ALA A 399 2.08 -6.82 23.62
CA ALA A 399 1.24 -5.67 23.93
C ALA A 399 2.10 -4.42 24.08
N PHE A 400 3.16 -4.53 24.85
CA PHE A 400 4.06 -3.39 25.04
C PHE A 400 4.81 -3.13 23.74
N GLY A 401 4.90 -4.16 22.91
CA GLY A 401 5.48 -4.03 21.59
C GLY A 401 4.46 -3.56 20.58
N ALA A 402 3.24 -3.32 21.05
CA ALA A 402 2.17 -2.86 20.17
C ALA A 402 1.92 -1.35 20.27
N ILE A 403 2.27 -0.75 21.40
CA ILE A 403 1.81 0.60 21.71
C ILE A 403 2.83 1.72 21.54
N MET A 404 4.06 1.39 21.15
CA MET A 404 5.08 2.43 20.99
C MET A 404 4.72 3.35 19.83
N ASP A 405 4.03 2.80 18.84
CA ASP A 405 3.65 3.54 17.64
C ASP A 405 2.32 4.26 17.81
N GLY A 406 2.32 5.57 17.62
CA GLY A 406 1.11 6.37 17.79
C GLY A 406 1.27 7.42 18.87
N PRO A 407 1.41 6.98 20.13
CA PRO A 407 1.61 7.88 21.26
C PRO A 407 2.87 8.71 21.13
N GLU A 408 2.83 9.95 21.61
CA GLU A 408 3.96 10.85 21.43
C GLU A 408 5.13 10.42 22.30
N GLU A 409 6.32 10.83 21.87
CA GLU A 409 7.57 10.27 22.38
C GLU A 409 7.78 10.41 23.89
N LYS A 410 7.71 11.64 24.41
CA LYS A 410 8.20 11.85 25.77
C LYS A 410 7.34 11.15 26.82
N VAL A 411 6.04 11.04 26.58
CA VAL A 411 5.18 10.35 27.53
C VAL A 411 5.53 8.86 27.54
N LEU A 412 6.02 8.37 26.40
CA LEU A 412 6.53 7.00 26.31
C LEU A 412 7.87 6.84 27.04
N GLU A 413 8.66 7.90 27.08
CA GLU A 413 10.03 7.83 27.60
C GLU A 413 10.20 7.30 29.04
N PRO A 414 9.46 7.84 30.02
CA PRO A 414 9.81 7.56 31.42
C PRO A 414 9.78 6.09 31.83
N ILE A 415 8.86 5.31 31.27
CA ILE A 415 8.73 3.91 31.65
C ILE A 415 9.62 3.06 30.76
N VAL A 416 9.72 3.45 29.50
CA VAL A 416 10.61 2.77 28.57
C VAL A 416 12.05 2.96 29.03
N LYS A 417 12.33 4.09 29.68
CA LYS A 417 13.62 4.30 30.32
C LYS A 417 13.74 3.51 31.62
N THR A 418 12.59 3.00 32.10
CA THR A 418 12.52 2.35 33.41
C THR A 418 12.41 0.83 33.29
N GLY A 419 11.43 0.37 32.51
CA GLY A 419 11.14 -1.05 32.41
C GLY A 419 11.98 -1.78 31.38
N MET A 420 12.87 -1.04 30.73
CA MET A 420 13.67 -1.56 29.63
C MET A 420 14.60 -2.69 30.07
N GLN A 421 15.29 -2.45 31.18
CA GLN A 421 16.30 -3.38 31.66
C GLN A 421 15.76 -4.79 31.92
N PRO A 422 14.61 -4.91 32.63
CA PRO A 422 14.04 -6.26 32.73
C PRO A 422 13.70 -6.84 31.35
N LEU A 423 13.30 -5.98 30.41
CA LEU A 423 12.90 -6.45 29.09
C LEU A 423 14.10 -7.06 28.36
N ILE A 424 15.29 -6.49 28.56
CA ILE A 424 16.51 -7.10 28.03
C ILE A 424 16.78 -8.39 28.78
N ALA A 425 16.46 -8.42 30.06
CA ALA A 425 16.69 -9.60 30.88
C ALA A 425 15.78 -10.74 30.42
N MET A 426 14.70 -10.37 29.74
CA MET A 426 13.69 -11.33 29.32
C MET A 426 14.08 -12.02 28.01
N MET A 427 15.23 -11.65 27.46
CA MET A 427 15.72 -12.28 26.24
C MET A 427 16.22 -13.69 26.58
N GLU A 428 16.39 -13.93 27.88
CA GLU A 428 16.82 -15.22 28.39
C GLU A 428 15.63 -16.17 28.63
N ASP A 429 14.46 -15.77 28.15
CA ASP A 429 13.21 -16.46 28.47
C ASP A 429 13.20 -17.90 27.98
N GLU A 430 12.50 -18.77 28.71
CA GLU A 430 12.34 -20.17 28.31
C GLU A 430 11.65 -20.28 26.96
N SER A 431 10.69 -19.40 26.72
CA SER A 431 9.88 -19.47 25.52
C SER A 431 10.54 -18.64 24.42
N ILE A 432 10.98 -19.33 23.38
CA ILE A 432 11.62 -18.69 22.24
C ILE A 432 10.65 -17.74 21.55
N GLN A 433 9.36 -18.09 21.61
CA GLN A 433 8.33 -17.25 21.02
C GLN A 433 8.27 -15.94 21.79
N VAL A 434 8.32 -16.03 23.12
CA VAL A 434 8.35 -14.84 23.95
C VAL A 434 9.64 -14.08 23.71
N ARG A 435 10.75 -14.81 23.47
CA ARG A 435 12.02 -14.16 23.19
C ARG A 435 11.87 -13.36 21.90
N ASP A 436 11.09 -13.92 20.98
CA ASP A 436 10.89 -13.36 19.66
C ASP A 436 10.09 -12.06 19.81
N SER A 437 8.98 -12.15 20.52
CA SER A 437 8.09 -11.02 20.72
C SER A 437 8.81 -9.91 21.48
N THR A 438 9.68 -10.28 22.41
CA THR A 438 10.51 -9.31 23.11
C THR A 438 11.43 -8.62 22.12
N ALA A 439 11.93 -9.37 21.14
CA ALA A 439 12.90 -8.83 20.20
C ALA A 439 12.23 -7.75 19.36
N TYR A 440 11.07 -8.06 18.80
CA TYR A 440 10.35 -7.10 17.99
C TYR A 440 9.92 -5.89 18.83
N ALA A 441 9.60 -6.13 20.10
CA ALA A 441 9.25 -5.06 21.01
C ALA A 441 10.45 -4.13 21.17
N LEU A 442 11.64 -4.73 21.24
CA LEU A 442 12.89 -3.97 21.38
C LEU A 442 13.13 -3.12 20.15
N GLY A 443 12.81 -3.69 18.98
CA GLY A 443 13.03 -2.99 17.73
C GLY A 443 12.09 -1.81 17.60
N ARG A 444 10.86 -2.00 18.06
CA ARG A 444 9.88 -0.92 18.02
C ARG A 444 10.30 0.20 18.97
N ILE A 445 10.92 -0.17 20.08
CA ILE A 445 11.45 0.81 21.03
C ILE A 445 12.57 1.63 20.40
N THR A 446 13.38 0.96 19.57
CA THR A 446 14.46 1.62 18.87
C THR A 446 13.89 2.63 17.89
N GLU A 447 12.90 2.18 17.11
CA GLU A 447 12.29 3.01 16.08
C GLU A 447 11.56 4.19 16.71
N ALA A 448 11.02 3.97 17.90
CA ALA A 448 10.26 4.99 18.61
C ALA A 448 11.19 5.80 19.50
N CYS A 449 11.11 5.55 20.80
CA CYS A 449 11.94 6.27 21.75
C CYS A 449 13.36 5.73 21.73
N SER A 450 14.09 6.03 20.66
CA SER A 450 15.49 5.65 20.55
C SER A 450 16.28 6.32 21.65
N GLU A 451 15.81 7.52 22.03
CA GLU A 451 16.42 8.32 23.07
C GLU A 451 16.27 7.67 24.44
N ALA A 452 15.25 6.81 24.57
CA ALA A 452 15.00 6.11 25.82
C ALA A 452 16.12 5.13 26.13
N ILE A 453 16.81 4.66 25.10
CA ILE A 453 17.89 3.73 25.31
C ILE A 453 19.12 4.52 25.75
N ASP A 454 19.30 4.64 27.06
CA ASP A 454 20.47 5.33 27.55
C ASP A 454 21.65 4.45 27.17
N PRO A 455 22.60 5.01 26.42
CA PRO A 455 23.68 4.25 25.79
C PRO A 455 24.54 3.49 26.78
N ASN A 456 25.13 4.19 27.74
CA ASN A 456 26.09 3.58 28.65
C ASN A 456 25.48 2.48 29.52
N THR A 457 24.18 2.58 29.77
CA THR A 457 23.52 1.63 30.68
C THR A 457 22.46 0.76 30.02
N HIS A 458 22.40 0.74 28.69
CA HIS A 458 21.44 -0.13 27.99
C HIS A 458 21.88 -0.60 26.61
N LEU A 459 22.72 0.17 25.93
CA LEU A 459 22.99 -0.10 24.52
C LEU A 459 23.78 -1.39 24.31
N GLU A 460 24.84 -1.58 25.10
CA GLU A 460 25.66 -2.78 24.98
C GLU A 460 24.88 -4.07 25.25
N PRO A 461 24.15 -4.15 26.39
CA PRO A 461 23.43 -5.41 26.65
C PRO A 461 22.42 -5.74 25.56
N LEU A 462 21.82 -4.70 25.00
CA LEU A 462 20.79 -4.88 24.00
C LEU A 462 21.43 -5.46 22.74
N ILE A 463 22.60 -4.94 22.39
CA ILE A 463 23.37 -5.44 21.26
C ILE A 463 23.78 -6.88 21.46
N ARG A 464 24.36 -7.19 22.61
CA ARG A 464 24.86 -8.54 22.86
C ARG A 464 23.69 -9.52 22.86
N SER A 465 22.53 -9.04 23.29
CA SER A 465 21.34 -9.87 23.34
C SER A 465 20.87 -10.20 21.93
N LEU A 466 20.79 -9.16 21.11
CA LEU A 466 20.32 -9.31 19.74
C LEU A 466 21.27 -10.13 18.89
N PHE A 467 22.58 -9.94 19.10
CA PHE A 467 23.57 -10.76 18.40
C PHE A 467 23.51 -12.21 18.84
N ASN A 468 23.51 -12.45 20.14
CA ASN A 468 23.53 -13.81 20.65
C ASN A 468 22.25 -14.54 20.24
N GLY A 469 21.15 -13.79 20.19
CA GLY A 469 19.88 -14.38 19.84
C GLY A 469 19.84 -14.65 18.35
N LEU A 470 20.62 -13.88 17.61
CA LEU A 470 20.77 -14.07 16.17
C LEU A 470 21.63 -15.30 15.90
N MET A 471 22.72 -15.40 16.64
CA MET A 471 23.77 -16.38 16.38
C MET A 471 23.48 -17.74 17.00
N ASN A 472 22.44 -17.80 17.84
CA ASN A 472 22.11 -19.03 18.55
C ASN A 472 20.65 -19.45 18.38
N SER A 473 19.79 -18.50 18.03
CA SER A 473 18.36 -18.77 17.92
C SER A 473 17.80 -18.26 16.59
N PRO A 474 17.93 -19.05 15.53
CA PRO A 474 17.50 -18.68 14.17
C PRO A 474 16.02 -18.33 14.11
N LYS A 475 15.23 -19.00 14.94
CA LYS A 475 13.78 -18.83 14.92
C LYS A 475 13.38 -17.40 15.30
N MET A 476 14.20 -16.75 16.13
CA MET A 476 13.94 -15.38 16.55
C MET A 476 14.87 -14.39 15.86
N ALA A 477 15.62 -14.88 14.86
CA ALA A 477 16.72 -14.14 14.28
C ALA A 477 16.31 -12.85 13.56
N ALA A 478 15.23 -12.92 12.78
CA ALA A 478 14.87 -11.83 11.87
C ALA A 478 14.57 -10.56 12.64
N SER A 479 13.84 -10.70 13.74
CA SER A 479 13.48 -9.56 14.57
C SER A 479 14.75 -8.94 15.15
N CYS A 480 15.69 -9.81 15.51
CA CYS A 480 16.95 -9.37 16.12
C CYS A 480 17.72 -8.53 15.12
N CYS A 481 17.53 -8.84 13.84
CA CYS A 481 18.19 -8.09 12.78
C CYS A 481 17.55 -6.71 12.65
N TRP A 482 16.22 -6.70 12.64
CA TRP A 482 15.44 -5.49 12.37
C TRP A 482 15.72 -4.46 13.47
N ALA A 483 15.69 -4.94 14.72
CA ALA A 483 16.01 -4.13 15.88
C ALA A 483 17.38 -3.49 15.71
N LEU A 484 18.37 -4.31 15.33
CA LEU A 484 19.74 -3.84 15.21
C LEU A 484 19.89 -2.82 14.08
N MET A 485 19.14 -3.00 13.00
CA MET A 485 19.24 -2.05 11.89
C MET A 485 18.78 -0.70 12.40
N ASN A 486 17.74 -0.72 13.23
CA ASN A 486 17.17 0.50 13.76
C ASN A 486 18.17 1.20 14.66
N ILE A 487 18.95 0.43 15.42
CA ILE A 487 19.93 1.00 16.34
C ILE A 487 20.92 1.80 15.51
N ALA A 488 21.28 1.23 14.37
CA ALA A 488 22.27 1.84 13.49
C ALA A 488 21.75 3.16 12.97
N GLU A 489 20.46 3.20 12.63
CA GLU A 489 19.88 4.39 12.07
C GLU A 489 19.76 5.45 13.15
N ARG A 490 19.64 5.01 14.40
CA ARG A 490 19.32 5.91 15.49
C ARG A 490 20.56 6.43 16.20
N PHE A 491 21.66 5.67 16.11
CA PHE A 491 22.89 6.10 16.75
C PHE A 491 23.98 6.38 15.73
N ALA A 492 23.57 6.82 14.54
CA ALA A 492 24.50 7.18 13.48
C ALA A 492 25.32 8.40 13.90
N GLY A 493 24.74 9.22 14.78
CA GLY A 493 25.45 10.37 15.29
C GLY A 493 25.41 11.55 14.33
N GLU A 494 26.18 12.58 14.64
CA GLU A 494 26.18 13.80 13.85
C GLU A 494 26.95 13.53 12.56
N PRO A 495 26.58 14.23 11.47
CA PRO A 495 27.38 14.05 10.24
C PRO A 495 28.81 14.53 10.42
N GLY A 496 29.75 13.81 9.80
CA GLY A 496 31.15 14.22 9.84
C GLY A 496 31.80 13.84 11.16
N ALA A 497 31.03 13.21 12.04
CA ALA A 497 31.48 12.97 13.41
C ALA A 497 32.66 12.02 13.43
N ALA A 498 33.63 12.29 14.30
CA ALA A 498 34.74 11.39 14.50
C ALA A 498 34.24 10.09 15.13
N GLN A 499 33.22 10.19 15.97
CA GLN A 499 32.64 9.00 16.57
C GLN A 499 31.13 9.06 16.75
N ASN A 500 30.54 7.88 16.89
CA ASN A 500 29.13 7.67 17.08
C ASN A 500 28.97 6.72 18.26
N PRO A 501 27.77 6.65 18.84
CA PRO A 501 27.59 5.72 19.96
C PRO A 501 27.93 4.26 19.61
N LEU A 502 27.70 3.85 18.36
CA LEU A 502 27.99 2.47 17.95
C LEU A 502 29.48 2.10 17.92
N THR A 503 30.35 3.08 17.76
CA THR A 503 31.76 2.85 17.41
C THR A 503 32.47 1.82 18.32
N PRO A 504 32.33 1.92 19.65
CA PRO A 504 32.94 0.87 20.47
C PRO A 504 32.41 -0.54 20.18
N HIS A 505 31.14 -0.66 19.82
CA HIS A 505 30.53 -1.96 19.57
C HIS A 505 30.73 -2.40 18.13
N PHE A 506 31.34 -1.53 17.32
CA PHE A 506 31.32 -1.69 15.88
C PHE A 506 32.11 -2.88 15.34
N ASN A 507 33.38 -2.97 15.70
CA ASN A 507 34.23 -4.05 15.18
C ASN A 507 33.76 -5.41 15.66
N GLN A 508 33.27 -5.47 16.89
CA GLN A 508 32.72 -6.70 17.42
C GLN A 508 31.45 -7.07 16.66
N SER A 509 30.73 -6.05 16.23
CA SER A 509 29.48 -6.27 15.48
C SER A 509 29.78 -6.80 14.09
N VAL A 510 30.74 -6.17 13.41
CA VAL A 510 31.13 -6.58 12.07
C VAL A 510 31.71 -8.00 12.10
N THR A 511 32.45 -8.30 13.15
CA THR A 511 33.06 -9.61 13.30
C THR A 511 31.99 -10.68 13.52
N ASN A 512 30.97 -10.33 14.32
CA ASN A 512 29.88 -11.25 14.60
C ASN A 512 29.03 -11.49 13.36
N LEU A 513 28.85 -10.46 12.57
CA LEU A 513 28.04 -10.55 11.36
C LEU A 513 28.75 -11.35 10.28
N LEU A 514 30.05 -11.11 10.13
CA LEU A 514 30.85 -11.91 9.21
C LEU A 514 30.92 -13.37 9.71
N THR A 515 30.85 -13.53 11.02
CA THR A 515 30.89 -14.85 11.62
C THR A 515 29.64 -15.64 11.25
N VAL A 516 28.46 -15.06 11.48
CA VAL A 516 27.21 -15.74 11.20
C VAL A 516 26.98 -15.91 9.70
N THR A 517 27.51 -14.98 8.90
CA THR A 517 27.35 -15.05 7.45
C THR A 517 28.36 -16.00 6.80
N ALA A 518 29.39 -16.36 7.55
CA ALA A 518 30.50 -17.14 7.02
C ALA A 518 30.08 -18.48 6.40
N PRO A 519 29.25 -19.29 7.12
CA PRO A 519 29.04 -20.65 6.60
C PRO A 519 28.38 -20.70 5.22
N MET A 520 28.78 -21.67 4.41
CA MET A 520 28.18 -21.86 3.09
C MET A 520 26.84 -22.59 3.19
N ASN A 521 26.57 -23.18 4.34
CA ASN A 521 25.34 -23.91 4.56
C ASN A 521 24.46 -23.28 5.63
N GLY A 522 24.69 -22.00 5.91
CA GLY A 522 23.86 -21.29 6.87
C GLY A 522 22.49 -21.11 6.28
N ASP A 523 21.49 -20.87 7.13
CA ASP A 523 20.13 -20.65 6.64
C ASP A 523 20.17 -19.41 5.75
N SER A 524 19.53 -19.48 4.59
CA SER A 524 19.64 -18.40 3.61
C SER A 524 19.07 -17.12 4.17
N THR A 525 18.02 -17.23 4.97
CA THR A 525 17.32 -16.07 5.49
C THR A 525 18.20 -15.32 6.48
N VAL A 526 18.82 -16.05 7.40
CA VAL A 526 19.70 -15.45 8.40
C VAL A 526 20.92 -14.83 7.74
N ARG A 527 21.41 -15.45 6.68
CA ARG A 527 22.53 -14.89 5.93
C ARG A 527 22.14 -13.53 5.37
N THR A 528 20.98 -13.49 4.71
CA THR A 528 20.53 -12.30 4.01
C THR A 528 20.29 -11.14 4.98
N ALA A 529 19.57 -11.44 6.06
CA ALA A 529 19.25 -10.42 7.05
C ALA A 529 20.51 -9.92 7.74
N ALA A 530 21.47 -10.81 7.95
CA ALA A 530 22.70 -10.45 8.63
C ALA A 530 23.53 -9.51 7.75
N TYR A 531 23.59 -9.81 6.46
CA TYR A 531 24.25 -8.89 5.53
C TYR A 531 23.53 -7.55 5.45
N GLU A 532 22.21 -7.57 5.60
CA GLU A 532 21.47 -6.32 5.52
C GLU A 532 21.78 -5.45 6.72
N VAL A 533 21.83 -6.06 7.90
CA VAL A 533 22.16 -5.32 9.12
C VAL A 533 23.57 -4.78 9.03
N LEU A 534 24.45 -5.56 8.40
CA LEU A 534 25.83 -5.15 8.20
C LEU A 534 25.90 -3.97 7.26
N SER A 535 25.07 -4.01 6.22
CA SER A 535 25.07 -2.94 5.24
C SER A 535 24.63 -1.66 5.94
N VAL A 536 23.74 -1.80 6.92
CA VAL A 536 23.22 -0.64 7.63
C VAL A 536 24.23 -0.08 8.64
N PHE A 537 24.99 -0.95 9.33
CA PHE A 537 26.05 -0.43 10.19
C PHE A 537 27.09 0.31 9.38
N VAL A 538 27.34 -0.19 8.17
CA VAL A 538 28.32 0.45 7.30
C VAL A 538 27.81 1.81 6.84
N GLN A 539 26.51 1.90 6.54
CA GLN A 539 25.92 3.16 6.09
C GLN A 539 26.03 4.20 7.18
N ASN A 540 25.88 3.75 8.42
CA ASN A 540 25.80 4.64 9.56
C ASN A 540 27.01 4.46 10.46
N ALA A 541 28.12 5.08 10.10
CA ALA A 541 29.37 4.84 10.80
C ALA A 541 30.25 6.07 10.85
N ALA A 542 30.97 6.20 11.96
CA ALA A 542 31.85 7.32 12.20
C ALA A 542 33.12 7.26 11.36
N ASN A 543 33.73 8.42 11.13
CA ASN A 543 34.94 8.50 10.32
C ASN A 543 36.09 7.69 10.93
N ASP A 544 36.13 7.59 12.26
CA ASP A 544 37.18 6.83 12.92
C ASP A 544 37.13 5.36 12.51
N SER A 545 35.95 4.89 12.11
CA SER A 545 35.77 3.50 11.73
C SER A 545 36.01 3.23 10.24
N LEU A 546 36.36 4.27 9.46
CA LEU A 546 36.46 4.11 8.01
C LEU A 546 37.48 3.05 7.61
N SER A 547 38.61 3.04 8.31
CA SER A 547 39.68 2.09 8.01
C SER A 547 39.18 0.68 8.22
N ALA A 548 38.36 0.48 9.25
CA ALA A 548 37.79 -0.82 9.55
C ALA A 548 36.87 -1.21 8.41
N VAL A 549 36.08 -0.25 7.94
CA VAL A 549 35.13 -0.49 6.86
C VAL A 549 35.91 -0.83 5.60
N ALA A 550 37.08 -0.22 5.45
CA ALA A 550 37.94 -0.44 4.29
C ALA A 550 38.36 -1.90 4.26
N SER A 551 38.74 -2.44 5.42
CA SER A 551 39.19 -3.82 5.50
C SER A 551 38.01 -4.71 5.17
N LEU A 552 36.83 -4.27 5.62
CA LEU A 552 35.60 -5.02 5.43
C LEU A 552 35.29 -5.11 3.95
N SER A 553 35.56 -4.01 3.24
CA SER A 553 35.25 -3.93 1.82
C SER A 553 36.07 -4.98 1.09
N THR A 554 37.32 -5.14 1.53
CA THR A 554 38.25 -6.05 0.89
C THR A 554 37.68 -7.45 1.05
N VAL A 555 37.19 -7.73 2.26
CA VAL A 555 36.66 -9.05 2.61
C VAL A 555 35.46 -9.35 1.71
N ILE A 556 34.64 -8.34 1.46
CA ILE A 556 33.43 -8.51 0.67
C ILE A 556 33.83 -8.87 -0.76
N LEU A 557 34.83 -8.17 -1.28
CA LEU A 557 35.29 -8.43 -2.63
C LEU A 557 35.78 -9.85 -2.72
N GLN A 558 36.46 -10.27 -1.66
CA GLN A 558 37.10 -11.57 -1.62
C GLN A 558 35.99 -12.59 -1.73
N ARG A 559 34.95 -12.42 -0.93
CA ARG A 559 33.85 -13.37 -0.92
C ARG A 559 33.13 -13.35 -2.27
N LEU A 560 33.01 -12.17 -2.87
CA LEU A 560 32.35 -12.07 -4.18
C LEU A 560 33.12 -12.85 -5.21
N GLU A 561 34.45 -12.76 -5.14
CA GLU A 561 35.31 -13.43 -6.09
C GLU A 561 35.13 -14.92 -5.91
N GLU A 562 34.97 -15.33 -4.66
CA GLU A 562 34.88 -16.73 -4.32
C GLU A 562 33.56 -17.33 -4.84
N THR A 563 32.56 -16.47 -5.06
CA THR A 563 31.28 -16.95 -5.58
C THR A 563 31.42 -17.42 -7.02
N LEU A 564 32.34 -16.83 -7.76
CA LEU A 564 32.47 -17.12 -9.19
C LEU A 564 32.82 -18.60 -9.47
N PRO A 565 33.83 -19.17 -8.79
CA PRO A 565 33.93 -20.62 -8.92
C PRO A 565 32.69 -21.38 -8.41
N LEU A 566 32.03 -20.86 -7.38
CA LEU A 566 30.80 -21.48 -6.88
C LEU A 566 29.69 -21.48 -7.92
N GLN A 567 29.73 -20.50 -8.82
CA GLN A 567 28.77 -20.39 -9.91
C GLN A 567 28.77 -21.71 -10.70
N GLN A 568 29.94 -22.33 -10.72
CA GLN A 568 30.17 -23.54 -11.51
C GLN A 568 29.70 -24.81 -10.81
N GLN A 569 29.67 -24.77 -9.48
CA GLN A 569 29.35 -25.96 -8.70
C GLN A 569 27.84 -26.17 -8.58
N VAL A 570 27.08 -25.18 -9.04
CA VAL A 570 25.63 -25.18 -8.94
C VAL A 570 25.02 -26.30 -9.79
N VAL A 571 24.01 -26.98 -9.27
CA VAL A 571 23.28 -27.97 -10.06
C VAL A 571 21.79 -27.96 -9.76
N SER A 572 21.43 -27.90 -8.48
CA SER A 572 20.03 -27.80 -8.09
C SER A 572 19.55 -26.37 -8.33
N VAL A 573 18.26 -26.20 -8.56
CA VAL A 573 17.70 -24.86 -8.71
C VAL A 573 17.82 -24.10 -7.38
N GLU A 574 17.73 -24.82 -6.28
CA GLU A 574 17.90 -24.23 -4.95
C GLU A 574 19.28 -23.60 -4.84
N ASP A 575 20.24 -24.25 -5.48
CA ASP A 575 21.62 -23.82 -5.48
C ASP A 575 21.74 -22.49 -6.18
N LYS A 576 20.96 -22.33 -7.25
CA LYS A 576 20.95 -21.09 -8.01
C LYS A 576 20.37 -19.96 -7.18
N LEU A 577 19.26 -20.23 -6.49
CA LEU A 577 18.60 -19.22 -5.68
C LEU A 577 19.52 -18.77 -4.54
N ILE A 578 20.25 -19.72 -3.99
CA ILE A 578 21.14 -19.43 -2.87
C ILE A 578 22.32 -18.57 -3.31
N LEU A 579 22.96 -18.95 -4.41
CA LEU A 579 24.10 -18.20 -4.91
C LEU A 579 23.70 -16.82 -5.39
N GLU A 580 22.50 -16.69 -5.95
CA GLU A 580 22.03 -15.40 -6.41
C GLU A 580 21.71 -14.47 -5.24
N ASP A 581 21.07 -15.02 -4.21
CA ASP A 581 20.73 -14.23 -3.02
C ASP A 581 22.01 -13.84 -2.29
N MET A 582 22.99 -14.74 -2.36
CA MET A 582 24.26 -14.53 -1.70
C MET A 582 25.06 -13.42 -2.37
N GLN A 583 25.15 -13.51 -3.70
CA GLN A 583 25.80 -12.48 -4.48
C GLN A 583 25.07 -11.14 -4.35
N THR A 584 23.75 -11.20 -4.22
CA THR A 584 22.97 -9.97 -4.10
C THR A 584 23.29 -9.30 -2.77
N SER A 585 23.36 -10.10 -1.71
CA SER A 585 23.64 -9.57 -0.38
C SER A 585 25.05 -8.95 -0.33
N LEU A 586 26.02 -9.65 -0.88
CA LEU A 586 27.40 -9.15 -0.89
C LEU A 586 27.51 -7.87 -1.70
N CYS A 587 26.80 -7.80 -2.82
CA CYS A 587 26.84 -6.59 -3.65
C CYS A 587 26.24 -5.41 -2.90
N THR A 588 25.21 -5.69 -2.11
CA THR A 588 24.56 -4.63 -1.34
C THR A 588 25.49 -4.09 -0.27
N VAL A 589 26.10 -4.98 0.50
CA VAL A 589 27.00 -4.57 1.56
C VAL A 589 28.18 -3.84 0.96
N LEU A 590 28.59 -4.31 -0.22
CA LEU A 590 29.70 -3.69 -0.92
C LEU A 590 29.32 -2.26 -1.30
N GLN A 591 28.06 -2.05 -1.65
CA GLN A 591 27.57 -0.70 -1.95
C GLN A 591 27.71 0.19 -0.74
N ALA A 592 27.36 -0.35 0.42
CA ALA A 592 27.38 0.40 1.66
C ALA A 592 28.80 0.85 1.96
N THR A 593 29.75 -0.05 1.73
CA THR A 593 31.16 0.23 1.96
C THR A 593 31.64 1.35 1.04
N VAL A 594 31.21 1.30 -0.22
CA VAL A 594 31.67 2.28 -1.19
C VAL A 594 31.06 3.65 -0.94
N GLN A 595 29.77 3.71 -0.62
CA GLN A 595 29.16 5.00 -0.32
C GLN A 595 29.79 5.65 0.91
N ARG A 596 30.14 4.85 1.90
CA ARG A 596 30.69 5.42 3.12
C ARG A 596 32.16 5.81 2.96
N LEU A 597 32.93 4.96 2.28
CA LEU A 597 34.34 5.28 2.04
C LEU A 597 34.49 6.47 1.10
N ASP A 598 33.49 6.66 0.23
CA ASP A 598 33.46 7.79 -0.68
C ASP A 598 34.73 7.78 -1.52
N LYS A 599 35.57 8.81 -1.37
CA LYS A 599 36.73 8.98 -2.24
C LYS A 599 37.89 8.04 -1.88
N GLU A 600 37.80 7.39 -0.72
CA GLU A 600 38.87 6.52 -0.25
C GLU A 600 38.87 5.16 -0.94
N ILE A 601 37.86 4.92 -1.76
CA ILE A 601 37.61 3.60 -2.34
C ILE A 601 38.53 3.33 -3.54
N ALA A 602 39.26 4.35 -3.96
CA ALA A 602 39.96 4.33 -5.24
C ALA A 602 40.92 3.14 -5.45
N PRO A 603 41.75 2.80 -4.44
CA PRO A 603 42.56 1.58 -4.64
C PRO A 603 41.72 0.33 -4.88
N GLN A 604 40.56 0.24 -4.25
CA GLN A 604 39.69 -0.92 -4.38
C GLN A 604 39.06 -1.01 -5.76
N GLY A 605 39.00 0.11 -6.46
CA GLY A 605 38.13 0.25 -7.63
C GLY A 605 38.43 -0.70 -8.77
N ASP A 606 39.70 -1.02 -8.98
CA ASP A 606 40.09 -1.95 -10.05
C ASP A 606 39.59 -3.35 -9.78
N ARG A 607 39.83 -3.82 -8.56
CA ARG A 607 39.41 -5.15 -8.17
C ARG A 607 37.88 -5.23 -8.17
N ILE A 608 37.25 -4.12 -7.79
CA ILE A 608 35.79 -4.06 -7.71
C ILE A 608 35.18 -4.19 -9.10
N MET A 609 35.67 -3.39 -10.04
CA MET A 609 35.13 -3.46 -11.38
C MET A 609 35.44 -4.78 -12.03
N GLN A 610 36.60 -5.35 -11.70
CA GLN A 610 36.96 -6.65 -12.27
C GLN A 610 36.01 -7.74 -11.82
N VAL A 611 35.80 -7.87 -10.51
CA VAL A 611 34.92 -8.91 -10.01
C VAL A 611 33.46 -8.69 -10.42
N LEU A 612 33.02 -7.42 -10.46
CA LEU A 612 31.63 -7.15 -10.77
C LEU A 612 31.32 -7.44 -12.23
N LEU A 613 32.19 -6.96 -13.11
CA LEU A 613 32.01 -7.21 -14.54
C LEU A 613 32.11 -8.71 -14.86
N GLN A 614 32.92 -9.45 -14.10
CA GLN A 614 32.94 -10.90 -14.22
C GLN A 614 31.63 -11.52 -13.74
N ILE A 615 31.01 -10.91 -12.73
CA ILE A 615 29.74 -11.42 -12.22
C ILE A 615 28.63 -11.24 -13.26
N LEU A 616 28.68 -10.13 -13.98
CA LEU A 616 27.68 -9.84 -15.01
C LEU A 616 27.73 -10.85 -16.14
N SER A 617 28.95 -11.27 -16.48
CA SER A 617 29.17 -12.19 -17.59
C SER A 617 28.67 -13.60 -17.29
N THR A 618 28.62 -13.95 -16.00
CA THR A 618 28.19 -15.28 -15.59
C THR A 618 26.74 -15.35 -15.13
N CYS A 619 26.17 -14.21 -14.77
CA CYS A 619 24.75 -14.14 -14.43
C CYS A 619 23.88 -14.16 -15.68
N GLY A 620 22.62 -14.58 -15.52
CA GLY A 620 21.66 -14.49 -16.60
C GLY A 620 20.25 -14.75 -16.13
N GLY A 621 19.27 -14.21 -16.85
CA GLY A 621 17.87 -14.49 -16.59
C GLY A 621 17.33 -13.81 -15.35
N LYS A 622 16.22 -14.34 -14.84
CA LYS A 622 15.55 -13.76 -13.68
C LYS A 622 16.45 -13.89 -12.46
N SER A 623 17.29 -12.86 -12.27
CA SER A 623 18.20 -12.79 -11.13
C SER A 623 18.21 -11.37 -10.59
N SER A 624 18.31 -11.24 -9.28
CA SER A 624 18.37 -9.93 -8.65
C SER A 624 19.79 -9.38 -8.63
N VAL A 625 20.75 -10.24 -9.01
CA VAL A 625 22.17 -9.89 -8.97
C VAL A 625 22.59 -8.67 -9.82
N PRO A 626 22.27 -8.66 -11.14
CA PRO A 626 22.80 -7.58 -11.99
C PRO A 626 22.36 -6.21 -11.48
N GLU A 627 21.16 -6.22 -10.93
CA GLU A 627 20.51 -5.04 -10.39
C GLU A 627 21.31 -4.48 -9.23
N GLY A 628 21.71 -5.38 -8.32
CA GLY A 628 22.52 -5.00 -7.19
C GLY A 628 23.92 -4.61 -7.62
N VAL A 629 24.42 -5.23 -8.68
CA VAL A 629 25.75 -4.90 -9.18
C VAL A 629 25.77 -3.49 -9.75
N PHE A 630 24.71 -3.11 -10.47
CA PHE A 630 24.64 -1.74 -10.96
C PHE A 630 24.50 -0.74 -9.81
N ALA A 631 23.91 -1.18 -8.71
CA ALA A 631 23.86 -0.35 -7.52
C ALA A 631 25.27 -0.08 -7.02
N ALA A 632 26.05 -1.15 -6.88
CA ALA A 632 27.41 -1.03 -6.35
C ALA A 632 28.31 -0.23 -7.29
N ILE A 633 28.13 -0.43 -8.60
CA ILE A 633 28.87 0.32 -9.61
C ILE A 633 28.46 1.79 -9.53
N SER A 634 27.17 1.97 -9.22
CA SER A 634 26.67 3.32 -9.11
C SER A 634 27.31 4.03 -7.94
N ALA A 635 27.55 3.36 -6.87
CA ALA A 635 28.21 3.92 -5.70
C ALA A 635 29.66 4.23 -6.04
N LEU A 636 30.30 3.33 -6.79
CA LEU A 636 31.69 3.49 -7.14
C LEU A 636 31.87 4.67 -8.10
N ALA A 637 30.86 4.90 -8.94
CA ALA A 637 30.92 5.98 -9.91
C ALA A 637 30.70 7.34 -9.26
N ASN A 638 29.73 7.41 -8.34
CA ASN A 638 29.49 8.63 -7.61
C ASN A 638 30.65 8.97 -6.67
N ALA A 639 31.36 7.93 -6.23
CA ALA A 639 32.48 8.10 -5.31
C ALA A 639 33.72 8.58 -6.05
N MET A 640 34.17 7.77 -7.00
CA MET A 640 35.38 8.09 -7.76
C MET A 640 35.16 9.27 -8.68
N GLU A 641 33.90 9.50 -9.05
CA GLU A 641 33.53 10.59 -9.96
C GLU A 641 34.29 10.50 -11.29
N GLU A 642 35.09 11.51 -11.59
CA GLU A 642 35.77 11.57 -12.89
C GLU A 642 36.84 10.49 -13.02
N GLU A 643 37.29 9.96 -11.88
CA GLU A 643 38.34 8.94 -11.88
C GLU A 643 37.78 7.62 -12.39
N PHE A 644 36.45 7.53 -12.44
CA PHE A 644 35.74 6.34 -12.90
C PHE A 644 35.95 6.08 -14.40
N ALA A 645 36.33 7.12 -15.13
CA ALA A 645 36.20 7.14 -16.59
C ALA A 645 36.95 6.01 -17.30
N LYS A 646 38.00 5.51 -16.66
CA LYS A 646 38.76 4.39 -17.21
C LYS A 646 37.93 3.10 -17.24
N TYR A 647 36.95 3.03 -16.35
CA TYR A 647 36.10 1.85 -16.27
C TYR A 647 35.01 1.88 -17.33
N MET A 648 34.82 3.04 -17.94
CA MET A 648 33.75 3.21 -18.92
C MET A 648 33.99 2.47 -20.23
N GLU A 649 35.25 2.30 -20.61
CA GLU A 649 35.54 1.67 -21.89
C GLU A 649 35.13 0.20 -21.90
N ALA A 650 35.20 -0.42 -20.73
CA ALA A 650 34.84 -1.84 -20.61
C ALA A 650 33.41 -2.01 -20.13
N PHE A 651 32.97 -1.12 -19.26
CA PHE A 651 31.64 -1.23 -18.68
C PHE A 651 30.52 -0.72 -19.58
N ALA A 652 30.85 0.09 -20.58
CA ALA A 652 29.82 0.69 -21.43
C ALA A 652 28.93 -0.37 -22.11
N PRO A 653 29.54 -1.41 -22.73
CA PRO A 653 28.68 -2.40 -23.39
C PRO A 653 27.67 -3.09 -22.48
N PHE A 654 28.03 -3.33 -21.23
CA PHE A 654 27.11 -3.96 -20.28
C PHE A 654 25.93 -3.03 -20.03
N LEU A 655 26.22 -1.73 -20.04
CA LEU A 655 25.24 -0.72 -19.74
C LEU A 655 24.28 -0.61 -20.90
N TYR A 656 24.83 -0.57 -22.11
CA TYR A 656 24.03 -0.51 -23.33
C TYR A 656 23.09 -1.70 -23.38
N ASN A 657 23.66 -2.87 -23.13
CA ASN A 657 22.92 -4.12 -23.22
C ASN A 657 21.79 -4.13 -22.19
N ALA A 658 22.06 -3.58 -21.01
CA ALA A 658 21.02 -3.50 -19.99
C ALA A 658 19.91 -2.55 -20.44
N LEU A 659 20.29 -1.51 -21.17
CA LEU A 659 19.33 -0.56 -21.72
C LEU A 659 18.48 -1.09 -22.88
N GLY A 660 19.03 -2.03 -23.64
CA GLY A 660 18.35 -2.52 -24.83
C GLY A 660 17.32 -3.61 -24.57
N ASN A 661 17.30 -4.15 -23.36
CA ASN A 661 16.43 -5.26 -23.04
C ASN A 661 15.32 -4.85 -22.07
N GLN A 662 14.11 -4.62 -22.61
CA GLN A 662 12.99 -4.24 -21.76
C GLN A 662 12.40 -5.46 -21.07
N GLU A 663 12.85 -6.60 -21.52
CA GLU A 663 12.34 -7.85 -20.98
C GLU A 663 12.85 -8.02 -19.56
N GLU A 664 13.73 -7.11 -19.16
CA GLU A 664 14.20 -7.02 -17.79
C GLU A 664 13.97 -5.59 -17.33
N PRO A 665 12.70 -5.27 -17.02
CA PRO A 665 12.24 -3.90 -16.76
C PRO A 665 12.98 -3.26 -15.60
N SER A 666 13.26 -4.05 -14.57
CA SER A 666 13.86 -3.52 -13.37
C SER A 666 15.33 -3.24 -13.63
N LEU A 667 15.94 -4.12 -14.41
CA LEU A 667 17.33 -3.92 -14.80
C LEU A 667 17.45 -2.79 -15.81
N CYS A 668 16.46 -2.64 -16.68
CA CYS A 668 16.49 -1.57 -17.66
C CYS A 668 16.37 -0.22 -16.95
N SER A 669 15.52 -0.17 -15.94
CA SER A 669 15.32 1.05 -15.17
C SER A 669 16.58 1.38 -14.39
N MET A 670 17.19 0.34 -13.85
CA MET A 670 18.43 0.48 -13.09
C MET A 670 19.53 0.95 -14.02
N ALA A 671 19.45 0.52 -15.27
CA ALA A 671 20.42 0.93 -16.28
C ALA A 671 20.28 2.40 -16.63
N ILE A 672 19.04 2.88 -16.73
CA ILE A 672 18.79 4.30 -17.01
C ILE A 672 19.29 5.17 -15.86
N GLY A 673 18.99 4.76 -14.63
CA GLY A 673 19.39 5.51 -13.46
C GLY A 673 20.90 5.53 -13.38
N LEU A 674 21.51 4.42 -13.76
CA LEU A 674 22.95 4.33 -13.79
C LEU A 674 23.55 5.20 -14.90
N VAL A 675 22.83 5.40 -15.99
CA VAL A 675 23.29 6.32 -17.03
C VAL A 675 23.37 7.70 -16.42
N SER A 676 22.34 8.04 -15.64
CA SER A 676 22.25 9.32 -14.99
C SER A 676 23.40 9.49 -14.00
N ASP A 677 23.71 8.44 -13.33
CA ASP A 677 24.77 8.45 -12.32
C ASP A 677 26.12 8.68 -12.96
N VAL A 678 26.43 7.85 -14.00
CA VAL A 678 27.70 7.92 -14.69
C VAL A 678 27.93 9.32 -15.25
N THR A 679 26.97 9.82 -16.01
CA THR A 679 27.12 11.10 -16.67
C THR A 679 27.17 12.27 -15.68
N ARG A 680 26.40 12.18 -14.58
CA ARG A 680 26.43 13.28 -13.62
C ARG A 680 27.77 13.34 -12.91
N SER A 681 28.42 12.19 -12.77
CA SER A 681 29.67 12.10 -12.03
C SER A 681 30.87 12.43 -12.90
N LEU A 682 30.92 11.87 -14.10
CA LEU A 682 32.01 12.16 -15.02
C LEU A 682 31.96 13.58 -15.58
N GLY A 683 30.77 14.15 -15.66
CA GLY A 683 30.61 15.46 -16.26
C GLY A 683 30.95 15.44 -17.74
N GLU A 684 31.82 16.36 -18.16
CA GLU A 684 32.18 16.54 -19.56
C GLU A 684 32.79 15.27 -20.15
N ARG A 685 33.40 14.46 -19.30
CA ARG A 685 34.14 13.27 -19.74
C ARG A 685 33.22 12.29 -20.45
N SER A 686 31.94 12.33 -20.10
CA SER A 686 31.01 11.29 -20.51
C SER A 686 30.43 11.49 -21.91
N GLN A 687 30.79 12.59 -22.58
CA GLN A 687 30.16 12.92 -23.86
C GLN A 687 30.19 11.85 -24.96
N PRO A 688 31.35 11.25 -25.25
CA PRO A 688 31.34 10.33 -26.40
C PRO A 688 30.34 9.20 -26.18
N TYR A 689 30.18 8.81 -24.92
CA TYR A 689 29.23 7.79 -24.53
C TYR A 689 27.78 8.29 -24.64
N CYS A 690 27.60 9.60 -24.54
CA CYS A 690 26.26 10.18 -24.47
C CYS A 690 25.46 10.00 -25.74
N ASP A 691 26.14 9.87 -26.88
CA ASP A 691 25.44 9.71 -28.15
C ASP A 691 24.75 8.35 -28.13
N ASN A 692 25.50 7.32 -27.76
CA ASN A 692 24.96 5.97 -27.64
C ASN A 692 23.92 5.89 -26.52
N PHE A 693 24.13 6.65 -25.45
CA PHE A 693 23.17 6.72 -24.36
C PHE A 693 21.84 7.26 -24.87
N MET A 694 21.93 8.31 -25.68
CA MET A 694 20.72 8.93 -26.21
C MET A 694 19.98 8.03 -27.19
N ASN A 695 20.70 7.21 -27.95
CA ASN A 695 20.03 6.27 -28.83
C ASN A 695 19.28 5.20 -28.05
N TYR A 696 19.87 4.71 -26.96
CA TYR A 696 19.18 3.76 -26.10
C TYR A 696 18.01 4.37 -25.34
N LEU A 697 18.13 5.63 -24.94
CA LEU A 697 17.04 6.29 -24.23
C LEU A 697 15.92 6.61 -25.19
N LEU A 698 16.26 7.28 -26.29
CA LEU A 698 15.26 7.67 -27.29
C LEU A 698 14.60 6.45 -27.88
N GLY A 699 15.37 5.37 -28.03
CA GLY A 699 14.83 4.14 -28.56
C GLY A 699 13.92 3.47 -27.57
N ASN A 700 14.21 3.70 -26.28
CA ASN A 700 13.39 3.12 -25.24
C ASN A 700 12.08 3.89 -25.09
N LEU A 701 12.02 5.08 -25.68
CA LEU A 701 10.78 5.85 -25.68
C LEU A 701 9.71 5.23 -26.56
N ARG A 702 10.13 4.43 -27.55
CA ARG A 702 9.17 3.79 -28.43
C ARG A 702 8.33 2.81 -27.62
N SER A 703 7.02 2.87 -27.81
CA SER A 703 6.11 2.10 -26.98
C SER A 703 4.79 1.88 -27.68
N THR A 704 4.20 0.72 -27.42
CA THR A 704 2.84 0.41 -27.86
C THR A 704 1.84 0.83 -26.78
N THR A 705 2.35 1.19 -25.61
CA THR A 705 1.50 1.70 -24.55
C THR A 705 1.80 3.18 -24.33
N LEU A 706 0.75 3.97 -24.12
CA LEU A 706 0.93 5.40 -23.92
C LEU A 706 1.73 5.61 -22.64
N ALA A 707 1.47 4.75 -21.68
CA ALA A 707 2.11 4.83 -20.37
C ALA A 707 3.43 4.08 -20.37
N ASN A 708 4.46 4.67 -20.98
CA ASN A 708 5.79 4.07 -20.93
C ASN A 708 6.30 4.19 -19.50
N GLN A 709 6.62 3.07 -18.88
CA GLN A 709 6.98 3.08 -17.48
C GLN A 709 8.39 3.61 -17.25
N PHE A 710 9.14 3.76 -18.33
CA PHE A 710 10.52 4.21 -18.22
C PHE A 710 10.65 5.70 -18.52
N LYS A 711 9.60 6.29 -19.08
CA LYS A 711 9.71 7.65 -19.61
C LYS A 711 10.12 8.70 -18.57
N PRO A 712 9.53 8.67 -17.36
CA PRO A 712 9.99 9.70 -16.41
C PRO A 712 11.49 9.61 -16.17
N ALA A 713 11.99 8.39 -16.07
CA ALA A 713 13.39 8.16 -15.80
C ALA A 713 14.25 8.62 -16.97
N ILE A 714 13.70 8.49 -18.19
CA ILE A 714 14.44 8.80 -19.40
C ILE A 714 14.55 10.32 -19.56
N LEU A 715 13.44 11.01 -19.36
CA LEU A 715 13.42 12.46 -19.47
C LEU A 715 14.29 13.09 -18.40
N GLN A 716 14.27 12.50 -17.21
CA GLN A 716 15.12 12.92 -16.12
C GLN A 716 16.57 12.74 -16.53
N CYS A 717 16.83 11.62 -17.20
CA CYS A 717 18.17 11.30 -17.66
C CYS A 717 18.61 12.29 -18.75
N PHE A 718 17.64 12.82 -19.50
CA PHE A 718 17.94 13.90 -20.43
C PHE A 718 18.44 15.11 -19.66
N GLY A 719 17.85 15.33 -18.49
CA GLY A 719 18.22 16.46 -17.68
C GLY A 719 19.65 16.32 -17.21
N ASP A 720 19.96 15.15 -16.67
CA ASP A 720 21.26 14.91 -16.08
C ASP A 720 22.34 14.94 -17.15
N ILE A 721 22.01 14.36 -18.31
CA ILE A 721 22.92 14.36 -19.45
C ILE A 721 23.17 15.79 -19.92
N ALA A 722 22.13 16.62 -19.82
CA ALA A 722 22.22 18.00 -20.28
C ALA A 722 23.14 18.80 -19.37
N SER A 723 22.96 18.64 -18.06
CA SER A 723 23.75 19.36 -17.09
C SER A 723 25.22 18.97 -17.22
N ALA A 724 25.46 17.70 -17.53
CA ALA A 724 26.81 17.19 -17.63
C ALA A 724 27.52 17.66 -18.89
N ILE A 725 26.79 17.66 -20.01
CA ILE A 725 27.42 17.98 -21.29
C ILE A 725 27.59 19.48 -21.55
N GLY A 726 26.54 20.25 -21.31
CA GLY A 726 26.57 21.66 -21.63
C GLY A 726 26.20 21.92 -23.08
N GLY A 727 27.16 22.36 -23.87
CA GLY A 727 26.88 22.83 -25.21
C GLY A 727 26.51 21.76 -26.22
N HIS A 728 27.07 20.56 -26.07
CA HIS A 728 26.89 19.53 -27.09
C HIS A 728 25.53 18.88 -26.94
N PHE A 729 24.76 19.32 -25.95
CA PHE A 729 23.40 18.83 -25.80
C PHE A 729 22.53 19.47 -26.87
N GLU A 730 23.08 20.48 -27.55
CA GLU A 730 22.34 21.25 -28.55
C GLU A 730 21.85 20.31 -29.65
N THR A 731 22.67 19.32 -29.95
CA THR A 731 22.35 18.35 -31.00
C THR A 731 21.05 17.63 -30.69
N TYR A 732 20.82 17.37 -29.40
CA TYR A 732 19.69 16.57 -28.97
C TYR A 732 18.47 17.44 -28.74
N LEU A 733 18.70 18.75 -28.71
CA LEU A 733 17.68 19.67 -28.23
C LEU A 733 16.43 19.64 -29.11
N THR A 734 16.65 19.42 -30.40
CA THR A 734 15.54 19.46 -31.36
C THR A 734 14.57 18.32 -31.09
N ILE A 735 15.11 17.20 -30.59
CA ILE A 735 14.31 15.99 -30.41
C ILE A 735 13.78 15.92 -28.99
N VAL A 736 14.66 16.18 -28.01
CA VAL A 736 14.31 16.15 -26.60
C VAL A 736 13.11 17.06 -26.34
N ALA A 737 13.19 18.27 -26.87
CA ALA A 737 12.14 19.27 -26.65
C ALA A 737 10.81 18.73 -27.18
N GLN A 738 10.87 18.07 -28.34
CA GLN A 738 9.69 17.49 -28.98
C GLN A 738 8.99 16.56 -28.01
N VAL A 739 9.78 15.66 -27.42
CA VAL A 739 9.28 14.65 -26.50
C VAL A 739 8.69 15.32 -25.26
N LEU A 740 9.36 16.37 -24.79
CA LEU A 740 8.88 17.08 -23.61
C LEU A 740 7.58 17.81 -23.96
N GLN A 741 7.53 18.37 -25.17
CA GLN A 741 6.32 19.03 -25.64
C GLN A 741 5.21 17.99 -25.79
N GLN A 742 5.62 16.77 -26.14
CA GLN A 742 4.70 15.64 -26.17
C GLN A 742 4.19 15.33 -24.77
N ALA A 743 5.14 15.19 -23.85
CA ALA A 743 4.86 14.59 -22.57
C ALA A 743 3.94 15.48 -21.75
N ALA A 744 4.01 16.78 -22.02
CA ALA A 744 3.22 17.74 -21.28
C ALA A 744 1.73 17.54 -21.55
N THR A 745 1.42 16.99 -22.72
CA THR A 745 0.04 16.82 -23.16
C THR A 745 -0.65 15.64 -22.49
N ILE A 746 0.13 14.74 -21.91
CA ILE A 746 -0.42 13.53 -21.31
C ILE A 746 -1.18 13.85 -20.02
N THR A 747 -2.33 13.20 -19.83
CA THR A 747 -3.17 13.41 -18.66
C THR A 747 -3.85 12.10 -18.28
N ALA A 748 -4.18 11.95 -17.00
CA ALA A 748 -4.97 10.81 -16.55
C ALA A 748 -6.38 10.87 -17.11
N GLY A 749 -6.87 12.09 -17.32
CA GLY A 749 -8.23 12.31 -17.78
C GLY A 749 -9.22 12.20 -16.65
N PRO A 750 -10.53 12.31 -16.97
CA PRO A 750 -11.61 12.11 -16.00
C PRO A 750 -11.56 10.72 -15.35
N ASP A 751 -11.09 9.73 -16.09
CA ASP A 751 -10.78 8.44 -15.50
C ASP A 751 -9.44 8.52 -14.79
N GLY A 752 -9.49 8.75 -13.49
CA GLY A 752 -8.28 8.99 -12.73
C GLY A 752 -7.94 7.90 -11.74
N SER A 753 -7.20 6.90 -12.21
CA SER A 753 -6.63 5.91 -11.31
C SER A 753 -5.52 6.60 -10.54
N TYR A 754 -5.24 6.14 -9.31
CA TYR A 754 -4.12 6.67 -8.56
C TYR A 754 -2.86 6.41 -9.38
N GLU A 755 -2.90 5.29 -10.09
CA GLU A 755 -1.86 4.87 -11.01
C GLU A 755 -1.49 5.96 -11.98
N MET A 756 -2.44 6.31 -12.84
CA MET A 756 -2.16 7.17 -13.98
C MET A 756 -1.80 8.57 -13.50
N ILE A 757 -2.40 8.97 -12.38
CA ILE A 757 -2.15 10.28 -11.82
C ILE A 757 -0.69 10.38 -11.37
N ASP A 758 -0.24 9.40 -10.59
CA ASP A 758 1.12 9.40 -10.08
C ASP A 758 2.10 9.31 -11.24
N TYR A 759 1.68 8.63 -12.31
CA TYR A 759 2.52 8.50 -13.48
C TYR A 759 2.75 9.85 -14.14
N VAL A 760 1.66 10.62 -14.27
CA VAL A 760 1.74 11.93 -14.91
C VAL A 760 2.57 12.88 -14.04
N ILE A 761 2.48 12.69 -12.73
CA ILE A 761 3.19 13.56 -11.80
C ILE A 761 4.70 13.32 -11.88
N SER A 762 5.10 12.06 -11.80
CA SER A 762 6.52 11.71 -11.92
C SER A 762 7.01 12.06 -13.31
N LEU A 763 6.12 11.95 -14.28
CA LEU A 763 6.42 12.28 -15.67
C LEU A 763 6.82 13.74 -15.80
N ARG A 764 5.99 14.62 -15.25
CA ARG A 764 6.27 16.04 -15.30
C ARG A 764 7.45 16.42 -14.40
N GLU A 765 7.71 15.61 -13.40
CA GLU A 765 8.94 15.79 -12.61
C GLU A 765 10.13 15.57 -13.53
N GLY A 766 9.99 14.60 -14.44
CA GLY A 766 11.05 14.31 -15.39
C GLY A 766 11.17 15.42 -16.41
N ILE A 767 10.04 15.99 -16.81
CA ILE A 767 10.02 17.06 -17.81
C ILE A 767 10.71 18.30 -17.25
N MET A 768 10.40 18.64 -16.00
CA MET A 768 10.95 19.83 -15.38
C MET A 768 12.43 19.65 -15.11
N ASP A 769 12.83 18.45 -14.70
CA ASP A 769 14.25 18.17 -14.46
C ASP A 769 14.98 18.31 -15.78
N ALA A 770 14.30 17.92 -16.84
CA ALA A 770 14.88 17.96 -18.17
C ALA A 770 15.06 19.41 -18.63
N TRP A 771 13.99 20.21 -18.53
CA TRP A 771 14.11 21.61 -18.95
C TRP A 771 15.11 22.35 -18.08
N GLY A 772 15.22 21.95 -16.82
CA GLY A 772 16.13 22.63 -15.91
C GLY A 772 17.55 22.41 -16.38
N GLY A 773 17.89 21.17 -16.69
CA GLY A 773 19.24 20.85 -17.10
C GLY A 773 19.55 21.47 -18.45
N ILE A 774 18.55 21.47 -19.33
CA ILE A 774 18.72 21.97 -20.69
C ILE A 774 18.94 23.48 -20.68
N ILE A 775 18.18 24.18 -19.84
CA ILE A 775 18.33 25.62 -19.71
C ILE A 775 19.68 25.96 -19.13
N GLY A 776 20.15 25.13 -18.20
CA GLY A 776 21.45 25.37 -17.58
C GLY A 776 22.55 25.18 -18.60
N ALA A 777 22.40 24.17 -19.44
CA ALA A 777 23.40 23.88 -20.45
C ALA A 777 23.44 24.99 -21.48
N MET A 778 22.25 25.44 -21.89
CA MET A 778 22.12 26.53 -22.86
C MET A 778 22.65 27.83 -22.27
N LYS A 779 22.45 27.98 -20.97
CA LYS A 779 22.88 29.18 -20.26
C LYS A 779 24.39 29.28 -20.23
N THR A 780 25.05 28.13 -20.06
CA THR A 780 26.50 28.10 -19.99
C THR A 780 27.14 27.85 -21.36
N SER A 781 26.32 27.73 -22.40
CA SER A 781 26.84 27.49 -23.74
C SER A 781 26.76 28.74 -24.62
N ASN A 782 26.19 29.81 -24.07
CA ASN A 782 25.91 31.02 -24.84
C ASN A 782 25.05 30.70 -26.05
N LYS A 783 24.01 29.90 -25.86
CA LYS A 783 23.16 29.45 -26.96
C LYS A 783 21.68 29.57 -26.62
N THR A 784 21.36 30.52 -25.75
CA THR A 784 20.00 30.67 -25.26
C THR A 784 19.03 31.02 -26.38
N ASN A 785 19.57 31.63 -27.45
CA ASN A 785 18.77 32.04 -28.59
C ASN A 785 18.08 30.86 -29.28
N VAL A 786 18.69 29.69 -29.24
CA VAL A 786 18.07 28.51 -29.84
C VAL A 786 17.10 27.90 -28.83
N LEU A 787 17.23 28.32 -27.58
CA LEU A 787 16.33 27.84 -26.52
C LEU A 787 15.09 28.73 -26.47
N GLN A 788 15.11 29.79 -27.27
CA GLN A 788 14.00 30.74 -27.35
C GLN A 788 12.62 30.12 -27.62
N PRO A 789 12.49 29.28 -28.68
CA PRO A 789 11.13 28.86 -29.08
C PRO A 789 10.34 28.13 -28.01
N TYR A 790 11.02 27.37 -27.16
CA TYR A 790 10.35 26.38 -26.34
C TYR A 790 9.85 26.97 -25.03
N VAL A 791 10.24 28.22 -24.77
CA VAL A 791 9.98 28.86 -23.48
C VAL A 791 8.48 29.05 -23.22
N GLU A 792 7.73 29.35 -24.27
CA GLU A 792 6.29 29.52 -24.14
C GLU A 792 5.64 28.20 -23.73
N SER A 793 6.19 27.11 -24.27
CA SER A 793 5.70 25.77 -23.94
C SER A 793 6.05 25.45 -22.49
N ILE A 794 7.20 25.94 -22.03
CA ILE A 794 7.61 25.70 -20.65
C ILE A 794 6.65 26.40 -19.70
N PHE A 795 6.32 27.66 -19.98
CA PHE A 795 5.34 28.38 -19.17
C PHE A 795 3.97 27.72 -19.26
N ALA A 796 3.67 27.17 -20.43
CA ALA A 796 2.39 26.52 -20.62
C ALA A 796 2.31 25.31 -19.70
N LEU A 797 3.45 24.65 -19.52
CA LEU A 797 3.52 23.52 -18.62
C LEU A 797 3.42 23.96 -17.16
N LEU A 798 4.07 25.09 -16.85
CA LEU A 798 4.03 25.62 -15.50
C LEU A 798 2.61 26.01 -15.16
N ASN A 799 1.89 26.49 -16.17
CA ASN A 799 0.49 26.84 -16.02
C ASN A 799 -0.30 25.57 -15.79
N SER A 800 0.04 24.53 -16.54
CA SER A 800 -0.72 23.29 -16.51
C SER A 800 -0.53 22.64 -15.15
N ILE A 801 0.64 22.86 -14.55
CA ILE A 801 0.95 22.32 -13.23
C ILE A 801 0.23 23.10 -12.15
N ALA A 802 0.30 24.43 -12.26
CA ALA A 802 -0.27 25.32 -11.26
C ALA A 802 -1.77 25.15 -11.14
N ASN A 803 -2.41 24.81 -12.26
CA ASN A 803 -3.84 24.63 -12.28
C ASN A 803 -4.22 23.24 -11.77
N ASP A 804 -3.22 22.39 -11.58
CA ASP A 804 -3.44 21.01 -11.18
C ASP A 804 -3.35 20.87 -9.66
N PRO A 805 -4.44 20.44 -9.02
CA PRO A 805 -4.42 20.11 -7.59
C PRO A 805 -3.42 19.02 -7.27
N ASN A 806 -3.24 18.08 -8.20
CA ASN A 806 -2.39 16.92 -7.97
C ASN A 806 -0.94 17.23 -8.30
N ARG A 807 -0.14 17.44 -7.27
CA ARG A 807 1.24 17.87 -7.44
C ARG A 807 2.15 17.29 -6.37
N SER A 808 3.40 17.04 -6.75
CA SER A 808 4.40 16.54 -5.83
C SER A 808 5.31 17.68 -5.41
N GLU A 809 5.93 17.54 -4.24
CA GLU A 809 6.86 18.53 -3.73
C GLU A 809 8.05 18.70 -4.68
N ALA A 810 8.56 17.59 -5.20
CA ALA A 810 9.71 17.62 -6.08
C ALA A 810 9.38 18.30 -7.40
N LEU A 811 8.14 18.14 -7.85
CA LEU A 811 7.71 18.76 -9.09
C LEU A 811 7.71 20.26 -8.92
N MET A 812 7.41 20.70 -7.70
CA MET A 812 7.29 22.12 -7.44
C MET A 812 8.67 22.70 -7.22
N ARG A 813 9.57 21.92 -6.62
CA ARG A 813 10.95 22.32 -6.51
C ARG A 813 11.56 22.53 -7.90
N ALA A 814 11.38 21.55 -8.77
CA ALA A 814 11.92 21.63 -10.12
C ALA A 814 11.24 22.77 -10.89
N SER A 815 9.98 23.02 -10.55
CA SER A 815 9.21 24.10 -11.17
C SER A 815 9.86 25.42 -10.84
N MET A 816 10.16 25.61 -9.55
CA MET A 816 10.76 26.85 -9.07
C MET A 816 12.13 27.04 -9.71
N GLY A 817 12.87 25.94 -9.81
CA GLY A 817 14.23 26.01 -10.29
C GLY A 817 14.27 26.35 -11.77
N VAL A 818 13.30 25.82 -12.52
CA VAL A 818 13.18 26.17 -13.93
C VAL A 818 12.76 27.63 -14.09
N ILE A 819 11.94 28.13 -13.16
CA ILE A 819 11.53 29.53 -13.22
C ILE A 819 12.75 30.43 -13.11
N GLY A 820 13.55 30.20 -12.07
CA GLY A 820 14.71 31.03 -11.83
C GLY A 820 15.76 30.86 -12.90
N ASP A 821 15.89 29.63 -13.41
CA ASP A 821 16.85 29.36 -14.47
C ASP A 821 16.48 30.17 -15.71
N LEU A 822 15.17 30.29 -15.93
CA LEU A 822 14.67 31.11 -17.02
C LEU A 822 14.96 32.59 -16.77
N ALA A 823 14.99 32.98 -15.50
CA ALA A 823 15.31 34.36 -15.16
C ALA A 823 16.75 34.64 -15.52
N ASP A 824 17.67 33.78 -15.09
CA ASP A 824 19.08 33.96 -15.41
C ASP A 824 19.33 33.82 -16.91
N ALA A 825 18.53 32.99 -17.55
CA ALA A 825 18.73 32.69 -18.96
C ALA A 825 18.48 33.93 -19.82
N TYR A 826 17.49 34.78 -19.36
CA TYR A 826 17.04 35.91 -20.17
C TYR A 826 16.96 37.22 -19.39
N PRO A 827 18.18 37.84 -19.26
CA PRO A 827 18.44 39.11 -18.56
C PRO A 827 17.66 40.29 -19.13
N ASN A 828 17.30 40.20 -20.41
CA ASN A 828 16.71 41.33 -21.14
C ASN A 828 15.45 41.88 -20.48
N GLY A 829 14.75 41.02 -19.76
CA GLY A 829 13.50 41.40 -19.14
C GLY A 829 12.30 41.20 -20.05
N GLN A 830 12.50 40.59 -21.21
CA GLN A 830 11.39 40.33 -22.10
C GLN A 830 10.54 39.16 -21.59
N LEU A 831 11.04 38.44 -20.59
CA LEU A 831 10.23 37.44 -19.91
C LEU A 831 9.39 38.03 -18.79
N ALA A 832 9.62 39.30 -18.48
CA ALA A 832 8.91 39.96 -17.38
C ALA A 832 7.42 40.04 -17.67
N ASP A 833 7.07 40.23 -18.94
CA ASP A 833 5.67 40.34 -19.33
C ASP A 833 5.02 38.97 -19.34
N ALA A 834 5.86 37.95 -19.33
CA ALA A 834 5.41 36.58 -19.14
C ALA A 834 5.43 36.25 -17.65
N PHE A 835 6.44 36.78 -16.96
CA PHE A 835 6.59 36.61 -15.51
C PHE A 835 5.49 37.28 -14.68
N ARG A 836 4.90 38.35 -15.21
CA ARG A 836 4.07 39.24 -14.40
C ARG A 836 2.66 38.70 -14.15
N GLN A 837 2.34 37.58 -14.80
CA GLN A 837 1.01 36.99 -14.72
C GLN A 837 0.70 36.51 -13.30
N ASP A 838 -0.57 36.57 -12.91
CA ASP A 838 -0.97 36.19 -11.55
C ASP A 838 -0.71 34.72 -11.21
N TRP A 839 -0.86 33.83 -12.19
CA TRP A 839 -0.75 32.41 -11.91
C TRP A 839 0.68 32.04 -11.52
N ILE A 840 1.66 32.75 -12.10
CA ILE A 840 3.06 32.58 -11.69
C ILE A 840 3.23 32.92 -10.21
N THR A 841 2.81 34.12 -9.85
CA THR A 841 3.05 34.66 -8.51
C THR A 841 2.29 33.87 -7.45
N ALA A 842 1.05 33.51 -7.77
CA ALA A 842 0.25 32.68 -6.86
C ALA A 842 0.83 31.28 -6.75
N MET A 843 1.47 30.81 -7.82
CA MET A 843 2.14 29.51 -7.83
C MET A 843 3.34 29.49 -6.90
N ILE A 844 4.23 30.46 -7.10
CA ILE A 844 5.46 30.54 -6.33
C ILE A 844 5.13 30.77 -4.87
N ARG A 845 4.11 31.58 -4.61
CA ARG A 845 3.77 31.95 -3.25
C ARG A 845 3.10 30.76 -2.55
N GLU A 846 2.25 30.04 -3.28
CA GLU A 846 1.62 28.86 -2.70
C GLU A 846 2.70 27.84 -2.36
N THR A 847 3.76 27.84 -3.16
CA THR A 847 4.88 26.95 -2.97
C THR A 847 5.61 27.31 -1.67
N ARG A 848 6.17 28.51 -1.60
CA ARG A 848 7.00 28.89 -0.46
C ARG A 848 6.20 28.95 0.82
N SER A 849 4.90 29.26 0.71
CA SER A 849 4.05 29.40 1.88
C SER A 849 3.85 28.08 2.60
N ASN A 850 3.83 26.98 1.86
CA ASN A 850 3.51 25.69 2.46
C ASN A 850 4.63 25.25 3.39
N ARG A 851 4.24 24.70 4.54
CA ARG A 851 5.17 24.22 5.54
C ARG A 851 5.40 22.72 5.41
N GLU A 852 4.52 22.06 4.66
CA GLU A 852 4.58 20.61 4.46
C GLU A 852 5.84 20.24 3.70
N PHE A 853 6.25 21.13 2.80
CA PHE A 853 7.42 20.89 1.96
C PHE A 853 8.68 21.09 2.79
N GLY A 854 9.77 20.48 2.35
CA GLY A 854 11.02 20.55 3.08
C GLY A 854 11.78 21.82 2.77
N ALA A 855 13.05 21.83 3.15
CA ALA A 855 13.89 23.01 3.04
C ALA A 855 14.15 23.41 1.59
N ARG A 856 14.55 22.43 0.79
CA ARG A 856 15.14 22.70 -0.53
C ARG A 856 14.17 23.47 -1.39
N THR A 857 12.91 23.05 -1.31
CA THR A 857 11.85 23.56 -2.16
C THR A 857 11.54 25.02 -1.87
N ILE A 858 11.29 25.32 -0.60
CA ILE A 858 10.89 26.67 -0.19
C ILE A 858 12.03 27.65 -0.44
N GLU A 859 13.26 27.21 -0.23
CA GLU A 859 14.40 28.08 -0.46
C GLU A 859 14.52 28.41 -1.94
N THR A 860 14.26 27.41 -2.78
CA THR A 860 14.26 27.63 -4.23
C THR A 860 13.17 28.62 -4.61
N ALA A 861 12.04 28.54 -3.90
CA ALA A 861 10.93 29.44 -4.15
C ALA A 861 11.29 30.87 -3.82
N ARG A 862 12.06 31.05 -2.75
CA ARG A 862 12.49 32.38 -2.35
C ARG A 862 13.41 32.93 -3.43
N TRP A 863 14.33 32.07 -3.85
CA TRP A 863 15.34 32.41 -4.84
C TRP A 863 14.68 32.76 -6.17
N ALA A 864 13.63 32.02 -6.50
CA ALA A 864 12.92 32.21 -7.76
C ALA A 864 12.21 33.55 -7.74
N ARG A 865 11.55 33.83 -6.62
CA ARG A 865 10.77 35.06 -6.49
C ARG A 865 11.69 36.26 -6.59
N GLU A 866 12.88 36.16 -6.00
CA GLU A 866 13.85 37.24 -6.09
C GLU A 866 14.27 37.42 -7.53
N GLN A 867 14.43 36.30 -8.24
CA GLN A 867 14.79 36.31 -9.64
C GLN A 867 13.73 37.01 -10.48
N VAL A 868 12.47 36.75 -10.14
CA VAL A 868 11.34 37.28 -10.89
C VAL A 868 11.24 38.78 -10.67
N LYS A 869 11.26 39.19 -9.41
CA LYS A 869 11.08 40.59 -9.06
C LYS A 869 12.21 41.42 -9.68
N ARG A 870 13.41 40.86 -9.70
CA ARG A 870 14.51 41.52 -10.37
C ARG A 870 14.28 41.59 -11.87
N GLN A 871 13.59 40.59 -12.41
CA GLN A 871 13.49 40.48 -13.86
C GLN A 871 12.37 41.40 -14.40
N ILE A 872 11.60 41.97 -13.49
CA ILE A 872 10.50 42.86 -13.86
C ILE A 872 11.01 44.08 -14.63
N ALA A 873 12.27 44.43 -14.40
CA ALA A 873 12.91 45.49 -15.16
C ALA A 873 14.40 45.21 -15.31
N GLY A 874 15.00 45.75 -16.36
CA GLY A 874 16.41 45.54 -16.65
C GLY A 874 16.92 46.53 -17.68
#